data_1NP0
#
_entry.id   1NP0
#
_cell.length_a   112.414
_cell.length_b   112.414
_cell.length_c   397.232
_cell.angle_alpha   90.00
_cell.angle_beta   90.00
_cell.angle_gamma   120.00
#
_symmetry.space_group_name_H-M   'P 61 2 2'
#
loop_
_entity.id
_entity.type
_entity.pdbx_description
1 polymer 'Beta-hexosaminidase subunit beta'
2 polymer 'Beta-hexosaminidase subunit beta chain B'
3 polymer 'Beta-hexosaminidase subunit beta chain A'
4 branched 2-acetamido-2-deoxy-beta-D-glucopyranose-(1-4)-2-acetamido-2-deoxy-beta-D-glucopyranose
5 non-polymer 3AR,5R,6S,7R,7AR-5-HYDROXYMETHYL-2-METHYL-5,6,7,7A-TETRAHYDRO-3AH-PYRANO[3,2-D]THIAZOLE-6,7-DIOL
6 non-polymer GLYCEROL
7 non-polymer 'SULFATE ION'
8 water water
#
loop_
_entity_poly.entity_id
_entity_poly.type
_entity_poly.pdbx_seq_one_letter_code
_entity_poly.pdbx_strand_id
1 'polypeptide(L)' AKPGPALWPLPLSVKMTPNLLHLAPENFYISHSPNSTAGPSCTLLEEAFRRYHGYIFG A,B
2 'polypeptide(L)'
;TQVQQLLVSITLQSECDAFPNISSDESYTLLVKEPVAVLKANRVWGALRGLETFSQLVYQDSYGTFTINESTIIDSPRFS
HRGILIDTSRHYLPVKIILKTLDAMAFNKFNVLHWHIVDDQSFPYQSITFPELSNKGSYSLSHVYTPNDVRMVIEYARLR
GIRVLPEFDTPGHTLSWGKGQKDLLTPCYS
;
C,E
3 'polypeptide(L)'
;LDSFGPINPTLNTTYSFLTTFFKEISEVFPDQFIHLGGDEVEFKCWESNPKIQDFMRQKGFGTDFKKLESFYIQKVLDII
ATINKGSIVWQEVFDDKAKLAPGTIVEVWKDSAYPEELSRVTASGFPVILSAPWYLDLISYGQDWRKYYKVEPLDFGGTQ
KQKQLFIGGEACLWGEYVDATNLTPRLWPRASAVGERLWSSKDVRDMDDAYDRLTRHRCRMVERGIAAQPLYAGYCNHEN
M
;
D,F
#
loop_
_chem_comp.id
_chem_comp.type
_chem_comp.name
_chem_comp.formula
GOL non-polymer GLYCEROL 'C3 H8 O3'
NAG D-saccharide, beta linking 2-acetamido-2-deoxy-beta-D-glucopyranose 'C8 H15 N O6'
NGT non-polymer 3AR,5R,6S,7R,7AR-5-HYDROXYMETHYL-2-METHYL-5,6,7,7A-TETRAHYDRO-3AH-PYRANO[3,2-D]THIAZOLE-6,7-DIOL 'C8 H13 N O4 S'
SO4 non-polymer 'SULFATE ION' 'O4 S -2'
#
# COMPACT_ATOMS: atom_id res chain seq x y z
N ALA A 6 1.64 19.49 -26.93
CA ALA A 6 2.73 19.25 -25.93
C ALA A 6 2.77 17.78 -25.52
N LEU A 7 2.95 16.91 -26.52
CA LEU A 7 3.08 15.47 -26.30
C LEU A 7 4.54 15.04 -26.11
N TRP A 8 4.77 14.19 -25.10
CA TRP A 8 6.10 13.67 -24.79
C TRP A 8 5.98 12.29 -24.11
N PRO A 9 6.51 11.21 -24.70
CA PRO A 9 7.10 11.18 -26.04
C PRO A 9 6.11 11.46 -27.18
N LEU A 10 6.62 11.93 -28.33
CA LEU A 10 5.76 12.19 -29.47
C LEU A 10 5.20 10.85 -30.00
N PRO A 11 3.87 10.70 -30.07
CA PRO A 11 3.29 9.47 -30.59
C PRO A 11 3.66 9.19 -32.05
N LEU A 12 3.60 7.92 -32.40
CA LEU A 12 3.93 7.45 -33.73
C LEU A 12 3.18 8.22 -34.81
N SER A 13 1.87 8.37 -34.64
CA SER A 13 1.03 9.06 -35.59
C SER A 13 0.01 9.94 -34.87
N VAL A 14 0.02 11.23 -35.19
CA VAL A 14 -0.88 12.19 -34.58
C VAL A 14 -1.59 12.92 -35.72
N LYS A 15 -2.93 12.88 -35.72
CA LYS A 15 -3.74 13.61 -36.70
C LYS A 15 -4.82 14.36 -35.90
N MET A 16 -4.81 15.70 -36.01
CA MET A 16 -5.76 16.55 -35.28
C MET A 16 -6.59 17.42 -36.22
N THR A 17 -7.73 17.89 -35.73
CA THR A 17 -8.58 18.80 -36.45
C THR A 17 -8.56 20.12 -35.69
N PRO A 18 -9.04 21.22 -36.29
CA PRO A 18 -9.20 22.49 -35.57
C PRO A 18 -10.41 22.55 -34.65
N ASN A 19 -11.25 21.52 -34.65
CA ASN A 19 -12.45 21.47 -33.85
C ASN A 19 -12.15 21.29 -32.36
N LEU A 20 -12.45 22.30 -31.56
CA LEU A 20 -12.26 22.24 -30.12
C LEU A 20 -13.46 21.67 -29.41
N LEU A 21 -13.20 20.85 -28.41
CA LEU A 21 -14.23 20.26 -27.59
C LEU A 21 -13.89 20.58 -26.16
N HIS A 22 -14.91 20.64 -25.31
CA HIS A 22 -14.74 20.98 -23.91
C HIS A 22 -15.07 19.81 -22.98
N LEU A 23 -14.52 19.87 -21.78
CA LEU A 23 -14.73 18.85 -20.75
C LEU A 23 -15.15 19.52 -19.46
N ALA A 24 -16.08 18.88 -18.75
CA ALA A 24 -16.58 19.34 -17.48
C ALA A 24 -16.08 18.38 -16.40
N PRO A 25 -15.20 18.84 -15.51
CA PRO A 25 -14.64 17.98 -14.45
C PRO A 25 -15.64 17.11 -13.67
N GLU A 26 -16.75 17.67 -13.19
CA GLU A 26 -17.74 16.86 -12.43
C GLU A 26 -18.79 16.18 -13.32
N ASN A 27 -18.56 16.20 -14.64
CA ASN A 27 -19.42 15.54 -15.60
C ASN A 27 -18.57 14.97 -16.73
N PHE A 28 -17.44 14.36 -16.35
CA PHE A 28 -16.55 13.69 -17.29
C PHE A 28 -16.09 12.43 -16.60
N TYR A 29 -16.37 11.28 -17.21
CA TYR A 29 -16.00 9.99 -16.62
C TYR A 29 -15.12 9.23 -17.56
N ILE A 30 -14.23 8.42 -17.01
CA ILE A 30 -13.45 7.47 -17.78
C ILE A 30 -14.00 6.11 -17.37
N SER A 31 -14.53 5.36 -18.34
CA SER A 31 -15.13 4.06 -18.05
C SER A 31 -14.81 2.99 -19.09
N HIS A 32 -15.18 1.76 -18.74
CA HIS A 32 -14.95 0.59 -19.58
C HIS A 32 -15.97 0.57 -20.69
N SER A 33 -15.52 0.37 -21.93
CA SER A 33 -16.45 0.22 -23.03
C SER A 33 -17.13 -1.12 -22.82
N PRO A 34 -18.43 -1.24 -23.13
CA PRO A 34 -19.17 -2.48 -22.88
C PRO A 34 -18.60 -3.73 -23.57
N ASN A 35 -17.94 -3.56 -24.72
CA ASN A 35 -17.30 -4.68 -25.42
C ASN A 35 -15.93 -5.09 -24.86
N SER A 36 -15.39 -4.34 -23.89
CA SER A 36 -14.05 -4.60 -23.37
C SER A 36 -13.93 -5.91 -22.63
N THR A 37 -12.71 -6.43 -22.59
CA THR A 37 -12.41 -7.65 -21.83
C THR A 37 -12.14 -7.32 -20.37
N ALA A 38 -11.98 -6.04 -20.06
CA ALA A 38 -11.77 -5.59 -18.70
C ALA A 38 -13.03 -4.93 -18.20
N GLY A 39 -13.21 -4.94 -16.89
CA GLY A 39 -14.33 -4.34 -16.21
C GLY A 39 -13.92 -3.80 -14.85
N PRO A 40 -14.90 -3.50 -14.00
CA PRO A 40 -14.68 -3.01 -12.64
C PRO A 40 -13.73 -3.85 -11.79
N SER A 41 -13.68 -5.16 -12.05
CA SER A 41 -12.75 -6.07 -11.38
C SER A 41 -11.29 -5.70 -11.62
N CYS A 42 -11.01 -5.02 -12.72
CA CYS A 42 -9.66 -4.66 -13.09
C CYS A 42 -9.15 -3.47 -12.25
N THR A 43 -8.52 -3.79 -11.12
CA THR A 43 -7.92 -2.80 -10.23
C THR A 43 -6.97 -1.86 -10.96
N LEU A 44 -6.15 -2.43 -11.83
CA LEU A 44 -5.18 -1.67 -12.57
C LEU A 44 -5.84 -0.58 -13.39
N LEU A 45 -6.85 -0.93 -14.17
CA LEU A 45 -7.55 0.10 -14.95
C LEU A 45 -8.35 1.07 -14.08
N GLU A 46 -9.00 0.56 -13.02
CA GLU A 46 -9.78 1.42 -12.13
C GLU A 46 -8.95 2.49 -11.43
N GLU A 47 -7.78 2.09 -10.93
CA GLU A 47 -6.88 3.04 -10.28
C GLU A 47 -6.35 4.07 -11.27
N ALA A 48 -6.03 3.62 -12.49
CA ALA A 48 -5.57 4.52 -13.55
C ALA A 48 -6.64 5.51 -13.96
N PHE A 49 -7.89 5.06 -14.05
CA PHE A 49 -9.00 5.95 -14.38
C PHE A 49 -9.06 7.07 -13.36
N ARG A 50 -8.97 6.71 -12.08
CA ARG A 50 -9.11 7.70 -11.02
C ARG A 50 -7.94 8.66 -10.95
N ARG A 51 -6.71 8.19 -11.11
CA ARG A 51 -5.57 9.11 -10.99
C ARG A 51 -5.40 10.01 -12.22
N TYR A 52 -5.76 9.52 -13.41
CA TYR A 52 -5.72 10.34 -14.61
C TYR A 52 -6.84 11.39 -14.62
N HIS A 53 -7.95 11.09 -13.95
CA HIS A 53 -8.97 12.10 -13.74
C HIS A 53 -8.37 13.28 -12.95
N GLY A 54 -7.61 12.97 -11.90
CA GLY A 54 -6.91 13.98 -11.13
C GLY A 54 -5.87 14.76 -11.91
N TYR A 55 -5.11 14.07 -12.77
CA TYR A 55 -4.09 14.73 -13.58
C TYR A 55 -4.69 15.68 -14.64
N ILE A 56 -5.76 15.27 -15.29
CA ILE A 56 -6.43 16.09 -16.29
C ILE A 56 -7.01 17.39 -15.72
N PHE A 57 -7.56 17.32 -14.51
CA PHE A 57 -8.27 18.46 -13.94
C PHE A 57 -7.58 19.20 -12.79
N GLY A 58 -6.94 18.45 -11.87
CA GLY A 58 -6.23 19.00 -10.72
C GLY A 58 -5.54 20.35 -10.83
N THR B 1 -19.88 20.03 -28.99
CA THR B 1 -18.75 20.68 -28.24
C THR B 1 -18.28 19.89 -27.02
N GLN B 2 -19.12 19.10 -26.37
CA GLN B 2 -18.73 18.40 -25.14
C GLN B 2 -18.25 16.96 -25.28
N VAL B 3 -17.07 16.65 -24.73
CA VAL B 3 -16.60 15.29 -24.58
C VAL B 3 -17.09 14.92 -23.19
N GLN B 4 -18.10 14.07 -23.12
CA GLN B 4 -18.68 13.63 -21.85
C GLN B 4 -17.95 12.42 -21.28
N GLN B 5 -17.36 11.61 -22.14
CA GLN B 5 -16.81 10.32 -21.72
C GLN B 5 -15.58 9.93 -22.50
N LEU B 6 -14.67 9.24 -21.81
CA LEU B 6 -13.56 8.55 -22.47
C LEU B 6 -13.82 7.07 -22.21
N LEU B 7 -14.19 6.34 -23.24
CA LEU B 7 -14.43 4.91 -23.11
C LEU B 7 -13.13 4.19 -23.38
N VAL B 8 -12.84 3.16 -22.60
CA VAL B 8 -11.59 2.41 -22.72
C VAL B 8 -11.92 0.96 -23.10
N SER B 9 -11.47 0.55 -24.27
CA SER B 9 -11.75 -0.79 -24.78
C SER B 9 -10.50 -1.65 -24.86
N ILE B 10 -10.43 -2.71 -24.07
CA ILE B 10 -9.35 -3.69 -24.19
C ILE B 10 -9.89 -4.81 -25.07
N THR B 11 -9.17 -5.11 -26.14
CA THR B 11 -9.57 -6.05 -27.19
C THR B 11 -9.29 -7.52 -26.93
N LEU B 12 -8.12 -7.83 -26.38
CA LEU B 12 -7.72 -9.21 -26.10
C LEU B 12 -7.74 -9.41 -24.59
N GLN B 13 -7.48 -10.64 -24.13
CA GLN B 13 -7.31 -10.94 -22.70
C GLN B 13 -6.50 -9.80 -22.09
N SER B 14 -7.08 -9.16 -21.08
CA SER B 14 -6.57 -7.89 -20.60
C SER B 14 -5.15 -7.89 -20.03
N GLU B 15 -4.78 -8.98 -19.37
CA GLU B 15 -3.54 -9.13 -18.61
C GLU B 15 -3.58 -8.22 -17.38
N CYS B 16 -4.80 -7.93 -16.92
CA CYS B 16 -5.03 -7.01 -15.80
C CYS B 16 -4.32 -7.40 -14.52
N ASP B 17 -4.32 -8.70 -14.21
CA ASP B 17 -3.71 -9.25 -13.01
C ASP B 17 -2.28 -9.78 -13.19
N ALA B 18 -1.70 -9.58 -14.36
CA ALA B 18 -0.38 -10.11 -14.66
C ALA B 18 0.68 -9.04 -14.47
N PHE B 19 1.93 -9.47 -14.45
CA PHE B 19 3.07 -8.56 -14.45
C PHE B 19 3.49 -8.34 -15.90
N PRO B 20 3.93 -7.14 -16.26
CA PRO B 20 4.37 -6.88 -17.62
C PRO B 20 5.70 -7.58 -17.88
N ASN B 21 6.02 -7.82 -19.14
CA ASN B 21 7.26 -8.46 -19.49
C ASN B 21 7.80 -7.83 -20.77
N ILE B 22 8.94 -8.32 -21.24
CA ILE B 22 9.60 -7.72 -22.40
C ILE B 22 8.70 -7.62 -23.63
N SER B 23 7.91 -8.64 -23.88
CA SER B 23 7.05 -8.65 -25.05
C SER B 23 5.65 -8.06 -24.83
N SER B 24 5.38 -7.44 -23.68
CA SER B 24 4.04 -6.87 -23.45
C SER B 24 3.65 -5.91 -24.56
N ASP B 25 2.38 -5.97 -24.96
CA ASP B 25 1.87 -5.15 -26.03
C ASP B 25 1.41 -3.82 -25.43
N GLU B 26 2.13 -2.76 -25.80
CA GLU B 26 1.85 -1.40 -25.36
C GLU B 26 1.23 -0.53 -26.44
N SER B 27 0.76 -1.10 -27.55
CA SER B 27 0.11 -0.32 -28.61
C SER B 27 -1.29 0.15 -28.21
N TYR B 28 -1.74 1.25 -28.79
CA TYR B 28 -3.09 1.76 -28.58
C TYR B 28 -3.44 2.73 -29.67
N THR B 29 -4.74 2.98 -29.80
CA THR B 29 -5.23 4.08 -30.60
C THR B 29 -6.13 4.90 -29.69
N LEU B 30 -6.15 6.20 -29.95
CA LEU B 30 -6.96 7.13 -29.20
C LEU B 30 -7.78 7.98 -30.18
N LEU B 31 -9.10 7.88 -30.12
CA LEU B 31 -10.00 8.69 -30.93
C LEU B 31 -10.72 9.70 -30.05
N VAL B 32 -10.35 10.96 -30.19
CA VAL B 32 -10.96 12.04 -29.42
C VAL B 32 -12.04 12.66 -30.29
N LYS B 33 -13.29 12.50 -29.85
CA LYS B 33 -14.44 13.03 -30.57
C LYS B 33 -15.57 13.20 -29.56
N GLU B 34 -16.63 13.87 -29.98
CA GLU B 34 -17.80 14.13 -29.14
C GLU B 34 -18.94 13.18 -29.53
N PRO B 35 -19.80 12.78 -28.60
CA PRO B 35 -19.69 13.04 -27.16
C PRO B 35 -18.81 12.04 -26.40
N VAL B 36 -18.37 10.96 -27.05
CA VAL B 36 -17.60 9.90 -26.40
C VAL B 36 -16.26 9.69 -27.10
N ALA B 37 -15.16 9.91 -26.39
CA ALA B 37 -13.83 9.59 -26.90
C ALA B 37 -13.58 8.11 -26.64
N VAL B 38 -12.71 7.48 -27.43
CA VAL B 38 -12.42 6.05 -27.30
C VAL B 38 -10.90 5.79 -27.29
N LEU B 39 -10.46 5.03 -26.28
CA LEU B 39 -9.09 4.56 -26.17
C LEU B 39 -9.21 3.06 -26.35
N LYS B 40 -8.51 2.53 -27.36
CA LYS B 40 -8.55 1.12 -27.70
C LYS B 40 -7.13 0.60 -27.62
N ALA B 41 -6.94 -0.57 -27.02
CA ALA B 41 -5.63 -1.19 -26.91
C ALA B 41 -5.77 -2.69 -26.80
N ASN B 42 -4.80 -3.43 -27.34
CA ASN B 42 -4.81 -4.88 -27.22
C ASN B 42 -4.84 -5.35 -25.77
N ARG B 43 -4.07 -4.70 -24.92
CA ARG B 43 -3.97 -5.05 -23.51
C ARG B 43 -4.02 -3.80 -22.62
N VAL B 44 -4.09 -4.09 -21.34
CA VAL B 44 -3.96 -3.10 -20.27
C VAL B 44 -2.76 -2.14 -20.41
N TRP B 45 -1.61 -2.69 -20.80
CA TRP B 45 -0.35 -1.96 -20.93
C TRP B 45 -0.47 -0.79 -21.92
N GLY B 46 -1.11 -1.05 -23.07
CA GLY B 46 -1.36 -0.03 -24.06
C GLY B 46 -2.37 1.01 -23.60
N ALA B 47 -3.38 0.58 -22.83
CA ALA B 47 -4.35 1.52 -22.32
C ALA B 47 -3.68 2.49 -21.34
N LEU B 48 -2.73 2.01 -20.54
CA LEU B 48 -2.05 2.87 -19.58
C LEU B 48 -1.28 3.95 -20.31
N ARG B 49 -0.58 3.56 -21.37
CA ARG B 49 0.16 4.53 -22.17
C ARG B 49 -0.77 5.55 -22.80
N GLY B 50 -1.89 5.06 -23.34
CA GLY B 50 -2.92 5.91 -23.93
C GLY B 50 -3.59 6.88 -22.97
N LEU B 51 -3.77 6.50 -21.71
CA LEU B 51 -4.30 7.43 -20.71
C LEU B 51 -3.34 8.59 -20.49
N GLU B 52 -2.04 8.30 -20.44
CA GLU B 52 -1.04 9.35 -20.30
C GLU B 52 -1.14 10.35 -21.46
N THR B 53 -1.21 9.84 -22.68
CA THR B 53 -1.31 10.69 -23.88
C THR B 53 -2.59 11.53 -23.90
N PHE B 54 -3.72 10.92 -23.56
CA PHE B 54 -4.97 11.66 -23.44
C PHE B 54 -4.83 12.86 -22.50
N SER B 55 -4.23 12.65 -21.33
CA SER B 55 -4.02 13.74 -20.36
C SER B 55 -3.12 14.85 -20.88
N GLN B 56 -2.19 14.52 -21.79
CA GLN B 56 -1.31 15.51 -22.40
C GLN B 56 -2.01 16.31 -23.50
N LEU B 57 -3.16 15.83 -23.98
CA LEU B 57 -3.93 16.55 -24.99
C LEU B 57 -4.91 17.55 -24.37
N VAL B 58 -5.34 17.33 -23.13
CA VAL B 58 -6.27 18.26 -22.49
C VAL B 58 -5.49 19.45 -21.95
N TYR B 59 -5.99 20.64 -22.21
CA TYR B 59 -5.38 21.87 -21.71
C TYR B 59 -6.45 22.88 -21.32
N GLN B 60 -6.06 23.89 -20.57
CA GLN B 60 -6.95 24.97 -20.22
C GLN B 60 -6.62 26.19 -21.05
N ASP B 61 -7.64 26.80 -21.64
CA ASP B 61 -7.43 28.02 -22.44
C ASP B 61 -7.21 29.23 -21.54
N SER B 62 -7.12 30.40 -22.13
CA SER B 62 -6.85 31.61 -21.36
C SER B 62 -7.87 31.97 -20.29
N TYR B 63 -9.11 31.49 -20.42
CA TYR B 63 -10.16 31.74 -19.44
C TYR B 63 -10.40 30.55 -18.48
N GLY B 64 -9.50 29.56 -18.49
CA GLY B 64 -9.63 28.39 -17.65
C GLY B 64 -10.46 27.26 -18.22
N THR B 65 -10.97 27.39 -19.44
CA THR B 65 -11.80 26.34 -20.05
C THR B 65 -11.03 25.09 -20.47
N PHE B 66 -11.42 23.93 -19.92
CA PHE B 66 -10.82 22.66 -20.27
C PHE B 66 -11.16 22.33 -21.71
N THR B 67 -10.12 22.18 -22.52
CA THR B 67 -10.26 22.02 -23.97
C THR B 67 -9.43 20.85 -24.47
N ILE B 68 -9.85 20.29 -25.60
CA ILE B 68 -9.12 19.26 -26.32
C ILE B 68 -9.51 19.33 -27.79
N ASN B 69 -8.55 19.08 -28.67
CA ASN B 69 -8.81 19.04 -30.09
C ASN B 69 -9.33 17.66 -30.53
N GLU B 70 -10.27 17.63 -31.47
CA GLU B 70 -10.68 16.38 -32.09
C GLU B 70 -9.41 15.83 -32.74
N SER B 71 -9.13 14.56 -32.49
CA SER B 71 -7.91 13.96 -32.98
C SER B 71 -7.92 12.45 -32.97
N THR B 72 -6.94 11.88 -33.63
CA THR B 72 -6.74 10.44 -33.76
C THR B 72 -5.29 10.21 -33.54
N ILE B 73 -4.96 9.30 -32.65
CA ILE B 73 -3.57 8.96 -32.40
C ILE B 73 -3.41 7.45 -32.52
N ILE B 74 -2.37 7.03 -33.23
CA ILE B 74 -1.97 5.65 -33.34
C ILE B 74 -0.57 5.69 -32.76
N ASP B 75 -0.29 4.77 -31.84
CA ASP B 75 0.98 4.79 -31.16
C ASP B 75 1.42 3.42 -30.68
N SER B 76 2.72 3.18 -30.70
CA SER B 76 3.32 1.95 -30.16
C SER B 76 4.82 2.23 -30.04
N PRO B 77 5.52 1.59 -29.12
CA PRO B 77 6.91 1.96 -28.84
C PRO B 77 7.92 1.47 -29.87
N ARG B 78 8.96 2.24 -30.10
CA ARG B 78 10.06 1.83 -30.98
C ARG B 78 10.86 0.64 -30.38
N PHE B 79 11.16 0.71 -29.08
CA PHE B 79 11.86 -0.36 -28.34
C PHE B 79 11.04 -0.74 -27.11
N SER B 80 11.14 -1.99 -26.70
CA SER B 80 10.33 -2.49 -25.60
C SER B 80 10.98 -2.43 -24.22
N HIS B 81 12.31 -2.38 -24.16
CA HIS B 81 13.02 -2.21 -22.90
C HIS B 81 13.39 -0.73 -22.75
N ARG B 82 12.67 -0.01 -21.91
CA ARG B 82 12.90 1.42 -21.71
C ARG B 82 13.09 1.63 -20.21
N GLY B 83 14.36 1.64 -19.80
CA GLY B 83 14.70 1.66 -18.40
C GLY B 83 15.31 2.87 -17.75
N ILE B 84 15.14 2.90 -16.43
CA ILE B 84 15.81 3.87 -15.57
C ILE B 84 16.54 3.05 -14.54
N LEU B 85 17.84 3.29 -14.37
CA LEU B 85 18.60 2.63 -13.30
C LEU B 85 18.69 3.55 -12.13
N ILE B 86 18.34 3.02 -10.96
CA ILE B 86 18.53 3.73 -9.70
C ILE B 86 19.45 2.85 -8.86
N ASP B 87 20.17 3.50 -7.94
CA ASP B 87 21.20 2.89 -7.12
C ASP B 87 20.87 3.24 -5.67
N THR B 88 20.46 2.23 -4.89
CA THR B 88 20.10 2.43 -3.48
C THR B 88 21.13 1.86 -2.50
N SER B 89 22.38 1.67 -2.97
CA SER B 89 23.47 1.21 -2.12
C SER B 89 24.42 2.35 -1.78
N ARG B 90 24.77 3.15 -2.79
CA ARG B 90 25.65 4.29 -2.59
C ARG B 90 25.00 5.28 -1.65
N HIS B 91 23.67 5.40 -1.76
CA HIS B 91 22.85 6.09 -0.77
C HIS B 91 21.54 5.35 -0.72
N TYR B 92 20.98 5.23 0.48
CA TYR B 92 19.68 4.65 0.63
C TYR B 92 18.68 5.66 0.07
N LEU B 93 17.69 5.20 -0.69
CA LEU B 93 16.61 6.05 -1.15
C LEU B 93 15.33 5.61 -0.43
N PRO B 94 14.63 6.51 0.25
CA PRO B 94 13.37 6.14 0.90
C PRO B 94 12.36 5.63 -0.11
N VAL B 95 11.51 4.70 0.31
CA VAL B 95 10.49 4.12 -0.57
C VAL B 95 9.70 5.20 -1.30
N LYS B 96 9.33 6.28 -0.60
CA LYS B 96 8.58 7.37 -1.22
C LYS B 96 9.22 7.96 -2.46
N ILE B 97 10.52 8.19 -2.44
CA ILE B 97 11.16 8.73 -3.63
C ILE B 97 11.28 7.69 -4.75
N ILE B 98 11.21 6.39 -4.42
CA ILE B 98 11.16 5.37 -5.47
C ILE B 98 9.77 5.40 -6.10
N LEU B 99 8.73 5.56 -5.28
CA LEU B 99 7.37 5.63 -5.81
C LEU B 99 7.20 6.87 -6.69
N LYS B 100 7.75 8.00 -6.27
CA LYS B 100 7.70 9.21 -7.09
C LYS B 100 8.41 9.01 -8.43
N THR B 101 9.56 8.34 -8.42
CA THR B 101 10.28 8.05 -9.64
C THR B 101 9.44 7.19 -10.58
N LEU B 102 8.68 6.25 -10.04
CA LEU B 102 7.82 5.41 -10.85
C LEU B 102 6.71 6.24 -11.50
N ASP B 103 6.15 7.19 -10.74
CA ASP B 103 5.17 8.12 -11.28
C ASP B 103 5.76 8.93 -12.44
N ALA B 104 6.96 9.46 -12.26
CA ALA B 104 7.63 10.19 -13.33
C ALA B 104 7.95 9.31 -14.54
N MET B 105 8.28 8.05 -14.28
CA MET B 105 8.54 7.09 -15.34
C MET B 105 7.30 6.85 -16.19
N ALA B 106 6.15 6.74 -15.53
CA ALA B 106 4.86 6.56 -16.21
C ALA B 106 4.53 7.73 -17.09
N PHE B 107 4.73 8.94 -16.57
CA PHE B 107 4.49 10.17 -17.33
C PHE B 107 5.38 10.23 -18.59
N ASN B 108 6.53 9.56 -18.56
CA ASN B 108 7.49 9.49 -19.65
C ASN B 108 7.47 8.17 -20.45
N LYS B 109 6.52 7.28 -20.15
CA LYS B 109 6.38 5.97 -20.79
C LYS B 109 7.60 5.04 -20.64
N PHE B 110 8.37 5.21 -19.56
CA PHE B 110 9.44 4.30 -19.23
C PHE B 110 8.74 3.06 -18.67
N ASN B 111 9.26 1.86 -18.95
CA ASN B 111 8.64 0.63 -18.48
C ASN B 111 9.54 -0.32 -17.68
N VAL B 112 10.79 0.04 -17.42
CA VAL B 112 11.66 -0.78 -16.56
C VAL B 112 12.36 0.07 -15.49
N LEU B 113 12.16 -0.31 -14.23
CA LEU B 113 12.96 0.21 -13.12
C LEU B 113 14.08 -0.80 -12.86
N HIS B 114 15.30 -0.45 -13.25
CA HIS B 114 16.47 -1.29 -12.99
C HIS B 114 16.95 -0.92 -11.60
N TRP B 115 16.58 -1.75 -10.63
CA TRP B 115 16.92 -1.52 -9.25
C TRP B 115 18.28 -2.12 -8.88
N HIS B 116 19.30 -1.26 -8.91
CA HIS B 116 20.65 -1.63 -8.46
C HIS B 116 20.60 -1.52 -6.95
N ILE B 117 20.09 -2.58 -6.33
CA ILE B 117 19.67 -2.53 -4.93
C ILE B 117 20.81 -2.60 -3.93
N VAL B 118 21.85 -3.37 -4.25
CA VAL B 118 22.99 -3.54 -3.36
C VAL B 118 24.29 -3.24 -4.10
N ASP B 119 25.33 -2.95 -3.35
CA ASP B 119 26.66 -2.69 -3.91
C ASP B 119 27.67 -2.77 -2.74
N ASP B 120 28.90 -2.31 -2.96
CA ASP B 120 29.95 -2.33 -1.92
C ASP B 120 29.64 -1.62 -0.61
N GLN B 121 29.05 -0.44 -0.73
CA GLN B 121 28.89 0.47 0.41
C GLN B 121 27.82 0.08 1.41
N SER B 122 26.74 -0.55 0.94
CA SER B 122 25.66 -0.97 1.82
C SER B 122 24.81 -2.05 1.19
N PHE B 123 24.10 -2.78 2.03
CA PHE B 123 23.24 -3.88 1.63
C PHE B 123 21.87 -3.67 2.28
N PRO B 124 21.05 -2.80 1.72
CA PRO B 124 19.69 -2.58 2.29
C PRO B 124 18.64 -3.67 2.01
N TYR B 125 18.83 -4.56 1.04
CA TYR B 125 17.85 -5.61 0.78
C TYR B 125 17.73 -6.57 1.97
N GLN B 126 16.60 -6.58 2.65
CA GLN B 126 16.41 -7.53 3.76
C GLN B 126 16.02 -8.90 3.20
N SER B 127 16.92 -9.86 3.34
CA SER B 127 16.70 -11.23 2.92
C SER B 127 16.08 -12.05 4.04
N ILE B 128 15.03 -12.78 3.72
CA ILE B 128 14.35 -13.63 4.69
C ILE B 128 15.23 -14.82 5.07
N THR B 129 15.76 -15.51 4.06
CA THR B 129 16.60 -16.69 4.29
C THR B 129 17.98 -16.31 4.85
N PHE B 130 18.45 -15.09 4.59
CA PHE B 130 19.74 -14.61 5.09
C PHE B 130 19.58 -13.26 5.80
N PRO B 131 19.00 -13.25 7.00
CA PRO B 131 18.76 -11.99 7.72
C PRO B 131 20.00 -11.15 8.04
N GLU B 132 21.16 -11.78 8.16
CA GLU B 132 22.37 -11.05 8.50
C GLU B 132 22.94 -10.20 7.37
N LEU B 133 22.53 -10.43 6.13
CA LEU B 133 23.02 -9.62 5.02
C LEU B 133 22.70 -8.17 5.26
N SER B 134 21.42 -7.85 5.51
CA SER B 134 21.04 -6.47 5.82
C SER B 134 21.36 -6.06 7.28
N ASN B 135 21.19 -6.96 8.24
CA ASN B 135 21.44 -6.61 9.64
C ASN B 135 22.86 -6.09 9.87
N LYS B 136 23.83 -6.64 9.14
CA LYS B 136 25.23 -6.24 9.25
C LYS B 136 25.71 -5.39 8.07
N GLY B 137 25.03 -5.46 6.93
CA GLY B 137 25.48 -4.78 5.72
C GLY B 137 24.80 -3.45 5.43
N SER B 138 23.65 -3.18 6.02
CA SER B 138 22.96 -1.92 5.79
C SER B 138 23.70 -0.78 6.48
N TYR B 139 23.42 0.45 6.05
CA TYR B 139 24.01 1.63 6.68
C TYR B 139 23.51 1.73 8.12
N SER B 140 22.25 1.40 8.33
CA SER B 140 21.68 1.34 9.67
C SER B 140 20.38 0.58 9.49
N LEU B 141 19.69 0.31 10.59
CA LEU B 141 18.45 -0.46 10.54
C LEU B 141 17.28 0.26 9.90
N SER B 142 17.32 1.59 9.83
CA SER B 142 16.31 2.35 9.10
C SER B 142 16.67 2.58 7.63
N HIS B 143 17.75 1.96 7.14
CA HIS B 143 18.17 2.05 5.75
C HIS B 143 18.11 0.63 5.19
N VAL B 144 16.92 0.07 5.23
CA VAL B 144 16.65 -1.29 4.80
C VAL B 144 15.32 -1.31 4.03
N TYR B 145 15.20 -2.22 3.07
CA TYR B 145 13.95 -2.43 2.35
C TYR B 145 13.40 -3.78 2.84
N THR B 146 12.28 -3.72 3.54
CA THR B 146 11.64 -4.91 4.09
C THR B 146 10.97 -5.66 2.96
N PRO B 147 10.61 -6.93 3.16
CA PRO B 147 9.84 -7.66 2.16
C PRO B 147 8.64 -6.88 1.72
N ASN B 148 8.01 -6.19 2.66
CA ASN B 148 6.85 -5.37 2.35
C ASN B 148 7.18 -4.10 1.56
N ASP B 149 8.32 -3.45 1.85
CA ASP B 149 8.78 -2.34 1.02
C ASP B 149 8.95 -2.80 -0.44
N VAL B 150 9.59 -3.96 -0.63
CA VAL B 150 9.81 -4.53 -1.95
C VAL B 150 8.50 -4.84 -2.69
N ARG B 151 7.56 -5.50 -2.02
CA ARG B 151 6.23 -5.76 -2.60
C ARG B 151 5.50 -4.49 -3.02
N MET B 152 5.56 -3.47 -2.18
CA MET B 152 4.94 -2.19 -2.44
C MET B 152 5.49 -1.56 -3.73
N VAL B 153 6.82 -1.54 -3.88
CA VAL B 153 7.46 -1.00 -5.07
C VAL B 153 7.08 -1.82 -6.32
N ILE B 154 7.07 -3.14 -6.19
CA ILE B 154 6.67 -4.03 -7.29
C ILE B 154 5.22 -3.79 -7.71
N GLU B 155 4.31 -3.76 -6.74
CA GLU B 155 2.89 -3.51 -7.03
C GLU B 155 2.67 -2.10 -7.63
N TYR B 156 3.27 -1.08 -7.01
CA TYR B 156 3.14 0.29 -7.47
C TYR B 156 3.62 0.38 -8.93
N ALA B 157 4.74 -0.28 -9.23
CA ALA B 157 5.28 -0.32 -10.57
C ALA B 157 4.34 -1.03 -11.56
N ARG B 158 3.79 -2.17 -11.16
CA ARG B 158 2.88 -2.98 -12.00
C ARG B 158 1.64 -2.19 -12.41
N LEU B 159 1.10 -1.41 -11.48
CA LEU B 159 -0.04 -0.55 -11.74
C LEU B 159 0.22 0.54 -12.78
N ARG B 160 1.49 0.83 -13.06
CA ARG B 160 1.87 1.76 -14.11
C ARG B 160 2.48 1.06 -15.33
N GLY B 161 2.38 -0.27 -15.40
CA GLY B 161 2.97 -1.03 -16.49
C GLY B 161 4.48 -1.03 -16.47
N ILE B 162 5.07 -1.01 -15.28
CA ILE B 162 6.52 -0.94 -15.12
C ILE B 162 7.04 -2.22 -14.51
N ARG B 163 8.06 -2.78 -15.17
CA ARG B 163 8.73 -3.97 -14.70
C ARG B 163 9.80 -3.59 -13.68
N VAL B 164 9.92 -4.36 -12.60
CA VAL B 164 10.99 -4.13 -11.63
C VAL B 164 12.05 -5.18 -11.88
N LEU B 165 13.19 -4.75 -12.41
CA LEU B 165 14.34 -5.59 -12.74
C LEU B 165 15.38 -5.48 -11.64
N PRO B 166 15.50 -6.48 -10.77
CA PRO B 166 16.47 -6.38 -9.67
C PRO B 166 17.88 -6.69 -10.14
N GLU B 167 18.86 -5.95 -9.61
CA GLU B 167 20.26 -6.28 -9.84
C GLU B 167 20.91 -6.60 -8.52
N PHE B 168 21.45 -7.81 -8.41
CA PHE B 168 22.26 -8.24 -7.27
C PHE B 168 23.60 -8.57 -7.89
N ASP B 169 24.42 -7.55 -7.98
CA ASP B 169 25.70 -7.60 -8.65
C ASP B 169 26.73 -8.48 -7.94
N THR B 170 27.37 -9.38 -8.68
CA THR B 170 28.46 -10.24 -8.20
C THR B 170 29.34 -10.54 -9.42
N PRO B 171 30.58 -11.00 -9.28
CA PRO B 171 31.28 -11.22 -8.00
C PRO B 171 31.88 -9.93 -7.44
N GLY B 172 32.10 -8.91 -8.27
CA GLY B 172 32.58 -7.64 -7.77
C GLY B 172 31.41 -6.87 -7.22
N HIS B 173 31.71 -5.71 -6.65
CA HIS B 173 30.72 -4.81 -6.07
C HIS B 173 29.96 -5.43 -4.90
N THR B 174 30.64 -6.31 -4.14
CA THR B 174 30.01 -7.09 -3.08
C THR B 174 30.52 -6.91 -1.66
N LEU B 175 31.25 -5.82 -1.37
CA LEU B 175 31.83 -5.64 -0.03
C LEU B 175 30.83 -5.72 1.12
N SER B 176 29.68 -5.07 0.96
CA SER B 176 28.62 -5.13 1.97
C SER B 176 28.07 -6.56 2.20
N TRP B 177 28.18 -7.45 1.21
CA TRP B 177 27.70 -8.82 1.36
C TRP B 177 28.53 -9.58 2.42
N GLY B 178 29.82 -9.24 2.52
CA GLY B 178 30.73 -9.92 3.43
C GLY B 178 30.51 -9.68 4.91
N LYS B 179 29.82 -8.59 5.27
CA LYS B 179 29.56 -8.29 6.67
C LYS B 179 28.70 -9.41 7.28
N GLY B 180 27.64 -9.81 6.57
CA GLY B 180 26.72 -10.84 7.03
C GLY B 180 26.93 -12.26 6.55
N GLN B 181 27.65 -12.45 5.45
CA GLN B 181 27.95 -13.79 4.93
C GLN B 181 29.46 -13.99 5.03
N LYS B 182 29.83 -14.75 6.03
CA LYS B 182 31.19 -15.05 6.40
C LYS B 182 31.75 -16.03 5.39
N ASP B 183 33.03 -15.88 5.07
CA ASP B 183 33.75 -16.70 4.10
C ASP B 183 33.30 -16.56 2.62
N LEU B 184 32.41 -15.63 2.32
CA LEU B 184 31.98 -15.39 0.95
C LEU B 184 33.05 -14.59 0.21
N LEU B 185 33.52 -13.49 0.81
CA LEU B 185 34.49 -12.64 0.13
C LEU B 185 35.92 -13.15 0.22
N THR B 186 36.71 -12.83 -0.79
CA THR B 186 38.11 -13.21 -0.82
C THR B 186 38.89 -12.21 0.06
N PRO B 187 39.64 -12.69 1.05
CA PRO B 187 40.51 -11.80 1.83
C PRO B 187 41.70 -11.35 0.98
N CYS B 188 42.09 -10.09 1.11
CA CYS B 188 43.22 -9.52 0.36
C CYS B 188 44.50 -9.54 1.19
N TYR B 189 45.54 -10.19 0.65
CA TYR B 189 46.86 -10.25 1.25
C TYR B 189 47.59 -8.99 0.83
N SER B 190 47.35 -7.93 1.58
CA SER B 190 47.91 -6.57 1.40
C SER B 190 46.78 -5.63 1.68
N LEU C 1 45.64 -4.77 -1.94
CA LEU C 1 45.80 -3.40 -1.35
C LEU C 1 44.68 -3.05 -0.36
N ASP C 2 43.47 -3.56 -0.59
CA ASP C 2 42.31 -3.40 0.31
C ASP C 2 42.29 -4.52 1.39
N SER C 3 41.15 -4.78 2.04
CA SER C 3 41.03 -5.88 3.00
C SER C 3 40.31 -7.09 2.41
N PHE C 4 39.19 -6.84 1.71
CA PHE C 4 38.43 -7.91 1.05
C PHE C 4 38.22 -7.56 -0.41
N GLY C 5 38.25 -8.57 -1.27
CA GLY C 5 38.01 -8.40 -2.69
C GLY C 5 36.69 -9.02 -3.11
N PRO C 6 36.57 -9.44 -4.38
CA PRO C 6 35.35 -10.07 -4.92
C PRO C 6 34.95 -11.37 -4.23
N ILE C 7 33.76 -11.86 -4.57
CA ILE C 7 33.28 -13.14 -4.06
C ILE C 7 34.29 -14.23 -4.42
N ASN C 8 34.53 -15.14 -3.48
CA ASN C 8 35.47 -16.22 -3.65
C ASN C 8 34.80 -17.29 -4.53
N PRO C 9 35.26 -17.47 -5.78
CA PRO C 9 34.61 -18.40 -6.71
C PRO C 9 35.11 -19.85 -6.65
N THR C 10 36.00 -20.18 -5.71
CA THR C 10 36.58 -21.51 -5.61
C THR C 10 35.93 -22.35 -4.52
N LEU C 11 35.04 -21.77 -3.72
CA LEU C 11 34.39 -22.46 -2.60
C LEU C 11 33.01 -22.97 -2.96
N ASN C 12 32.68 -24.17 -2.51
CA ASN C 12 31.34 -24.72 -2.70
C ASN C 12 30.29 -23.96 -1.84
N THR C 13 30.71 -23.38 -0.71
CA THR C 13 29.80 -22.60 0.12
C THR C 13 29.28 -21.35 -0.58
N THR C 14 30.08 -20.81 -1.49
CA THR C 14 29.70 -19.66 -2.29
C THR C 14 28.49 -19.97 -3.13
N TYR C 15 28.59 -21.02 -3.93
CA TYR C 15 27.55 -21.42 -4.86
C TYR C 15 26.32 -21.98 -4.18
N SER C 16 26.52 -22.55 -3.00
CA SER C 16 25.43 -23.04 -2.17
C SER C 16 24.68 -21.84 -1.60
N PHE C 17 25.42 -20.80 -1.22
CA PHE C 17 24.82 -19.56 -0.74
C PHE C 17 24.05 -18.88 -1.87
N LEU C 18 24.70 -18.73 -3.03
CA LEU C 18 24.09 -18.08 -4.19
C LEU C 18 22.84 -18.81 -4.69
N THR C 19 22.84 -20.14 -4.62
CA THR C 19 21.69 -20.95 -5.00
C THR C 19 20.49 -20.61 -4.15
N THR C 20 20.66 -20.72 -2.83
CA THR C 20 19.61 -20.41 -1.87
C THR C 20 19.17 -18.97 -1.99
N PHE C 21 20.13 -18.07 -2.08
CA PHE C 21 19.86 -16.65 -2.22
C PHE C 21 19.05 -16.34 -3.49
N PHE C 22 19.55 -16.75 -4.65
CA PHE C 22 18.84 -16.46 -5.92
C PHE C 22 17.48 -17.14 -6.03
N LYS C 23 17.32 -18.27 -5.37
CA LYS C 23 16.01 -18.92 -5.31
C LYS C 23 15.01 -17.96 -4.64
N GLU C 24 15.39 -17.38 -3.49
CA GLU C 24 14.59 -16.35 -2.81
C GLU C 24 14.24 -15.17 -3.75
N ILE C 25 15.24 -14.73 -4.51
CA ILE C 25 15.06 -13.64 -5.46
C ILE C 25 14.08 -14.01 -6.57
N SER C 26 14.13 -15.26 -7.05
CA SER C 26 13.20 -15.75 -8.08
C SER C 26 11.73 -15.77 -7.63
N GLU C 27 11.52 -15.74 -6.31
CA GLU C 27 10.20 -15.74 -5.70
C GLU C 27 9.75 -14.31 -5.35
N VAL C 28 10.67 -13.48 -4.86
CA VAL C 28 10.37 -12.10 -4.48
C VAL C 28 10.06 -11.21 -5.68
N PHE C 29 10.90 -11.31 -6.72
CA PHE C 29 10.77 -10.47 -7.93
C PHE C 29 10.12 -11.27 -9.05
N PRO C 30 8.90 -10.93 -9.44
CA PRO C 30 8.22 -11.68 -10.51
C PRO C 30 8.76 -11.46 -11.92
N ASP C 31 9.52 -10.41 -12.20
CA ASP C 31 10.06 -10.22 -13.56
C ASP C 31 10.81 -11.45 -14.04
N GLN C 32 10.72 -11.71 -15.35
CA GLN C 32 11.42 -12.85 -15.97
C GLN C 32 12.94 -12.77 -15.81
N PHE C 33 13.49 -11.55 -15.75
CA PHE C 33 14.94 -11.36 -15.73
C PHE C 33 15.49 -10.88 -14.39
N ILE C 34 16.73 -11.31 -14.14
CA ILE C 34 17.51 -10.91 -12.97
C ILE C 34 18.83 -10.44 -13.55
N HIS C 35 19.29 -9.29 -13.10
CA HIS C 35 20.55 -8.72 -13.57
C HIS C 35 21.59 -9.25 -12.62
N LEU C 36 22.55 -9.99 -13.14
CA LEU C 36 23.61 -10.56 -12.32
C LEU C 36 24.85 -9.71 -12.19
N GLY C 37 24.88 -8.60 -12.91
CA GLY C 37 25.97 -7.68 -12.84
C GLY C 37 27.19 -8.14 -13.61
N GLY C 38 28.27 -8.41 -12.89
CA GLY C 38 29.53 -8.84 -13.50
C GLY C 38 30.45 -7.71 -13.95
N ASP C 39 30.17 -6.47 -13.57
CA ASP C 39 31.01 -5.34 -13.95
C ASP C 39 32.21 -5.17 -13.03
N GLU C 40 33.27 -4.58 -13.58
CA GLU C 40 34.50 -4.17 -12.88
C GLU C 40 35.07 -5.12 -11.81
N VAL C 41 35.15 -6.40 -12.12
CA VAL C 41 35.74 -7.37 -11.21
C VAL C 41 37.25 -7.13 -11.13
N GLU C 42 37.77 -6.91 -9.92
CA GLU C 42 39.20 -6.69 -9.68
C GLU C 42 39.92 -8.01 -9.43
N PHE C 43 41.00 -8.26 -10.17
CA PHE C 43 41.77 -9.51 -10.05
C PHE C 43 42.94 -9.50 -9.05
N LYS C 44 43.47 -8.32 -8.69
CA LYS C 44 44.62 -8.21 -7.75
C LYS C 44 44.48 -9.02 -6.48
N CYS C 45 43.27 -9.08 -5.93
CA CYS C 45 42.99 -9.83 -4.72
C CYS C 45 42.99 -11.33 -4.97
N TRP C 46 42.41 -11.76 -6.08
CA TRP C 46 42.43 -13.16 -6.49
C TRP C 46 43.86 -13.61 -6.81
N GLU C 47 44.60 -12.76 -7.52
CA GLU C 47 46.01 -12.96 -7.88
C GLU C 47 46.89 -13.11 -6.63
N SER C 48 46.64 -12.28 -5.62
CA SER C 48 47.43 -12.31 -4.39
C SER C 48 47.05 -13.41 -3.39
N ASN C 49 46.00 -14.19 -3.67
CA ASN C 49 45.51 -15.19 -2.75
C ASN C 49 46.09 -16.58 -3.05
N PRO C 50 46.72 -17.25 -2.08
CA PRO C 50 47.33 -18.56 -2.33
C PRO C 50 46.37 -19.69 -2.67
N LYS C 51 45.22 -19.73 -2.00
CA LYS C 51 44.21 -20.77 -2.28
C LYS C 51 43.62 -20.63 -3.67
N ILE C 52 43.49 -19.40 -4.14
CA ILE C 52 42.99 -19.15 -5.49
C ILE C 52 44.06 -19.55 -6.49
N GLN C 53 45.32 -19.17 -6.22
CA GLN C 53 46.46 -19.60 -7.04
C GLN C 53 46.50 -21.11 -7.20
N ASP C 54 46.20 -21.82 -6.11
CA ASP C 54 46.12 -23.28 -6.14
C ASP C 54 45.00 -23.71 -7.07
N PHE C 55 43.79 -23.18 -6.84
CA PHE C 55 42.63 -23.47 -7.67
C PHE C 55 42.85 -23.15 -9.16
N MET C 56 43.57 -22.07 -9.44
CA MET C 56 43.88 -21.67 -10.81
C MET C 56 44.61 -22.74 -11.61
N ARG C 57 45.64 -23.34 -11.01
CA ARG C 57 46.38 -24.42 -11.66
C ARG C 57 45.63 -25.75 -11.63
N GLN C 58 44.73 -25.94 -10.66
CA GLN C 58 43.92 -27.17 -10.57
C GLN C 58 43.12 -27.49 -11.84
N LYS C 59 42.75 -26.46 -12.63
CA LYS C 59 42.06 -26.67 -13.91
C LYS C 59 42.63 -25.82 -15.08
N GLY C 60 43.93 -25.49 -14.99
CA GLY C 60 44.65 -24.89 -16.09
C GLY C 60 44.29 -23.51 -16.57
N PHE C 61 43.92 -22.63 -15.65
CA PHE C 61 43.60 -21.25 -16.02
C PHE C 61 44.85 -20.36 -16.10
N GLY C 62 46.02 -20.92 -15.75
CA GLY C 62 47.29 -20.23 -15.86
C GLY C 62 47.35 -19.00 -14.99
N THR C 63 47.59 -17.86 -15.63
CA THR C 63 47.56 -16.55 -14.99
C THR C 63 46.41 -15.71 -15.55
N ASP C 64 45.45 -16.35 -16.25
CA ASP C 64 44.32 -15.64 -16.87
C ASP C 64 43.10 -15.67 -15.96
N PHE C 65 42.91 -14.59 -15.20
CA PHE C 65 41.79 -14.51 -14.27
C PHE C 65 40.42 -14.25 -14.93
N LYS C 66 40.41 -13.91 -16.21
CA LYS C 66 39.16 -13.86 -16.98
C LYS C 66 38.50 -15.24 -17.03
N LYS C 67 39.30 -16.29 -17.05
CA LYS C 67 38.78 -17.66 -17.04
C LYS C 67 38.15 -18.04 -15.69
N LEU C 68 38.65 -17.47 -14.60
CA LEU C 68 38.10 -17.70 -13.27
C LEU C 68 36.81 -16.91 -13.08
N GLU C 69 36.79 -15.70 -13.65
CA GLU C 69 35.60 -14.87 -13.68
C GLU C 69 34.53 -15.59 -14.50
N SER C 70 34.92 -16.08 -15.68
CA SER C 70 34.00 -16.82 -16.53
C SER C 70 33.46 -18.04 -15.81
N PHE C 71 34.36 -18.79 -15.18
CA PHE C 71 33.97 -19.97 -14.40
C PHE C 71 32.93 -19.62 -13.35
N TYR C 72 33.16 -18.54 -12.60
CA TYR C 72 32.19 -18.09 -11.60
C TYR C 72 30.84 -17.73 -12.19
N ILE C 73 30.88 -16.90 -13.24
CA ILE C 73 29.65 -16.37 -13.85
C ILE C 73 28.78 -17.45 -14.49
N GLN C 74 29.42 -18.42 -15.14
CA GLN C 74 28.74 -19.56 -15.76
C GLN C 74 27.97 -20.37 -14.74
N LYS C 75 28.53 -20.56 -13.55
CA LYS C 75 27.83 -21.23 -12.47
C LYS C 75 26.61 -20.46 -11.97
N VAL C 76 26.70 -19.12 -11.96
CA VAL C 76 25.60 -18.28 -11.51
C VAL C 76 24.49 -18.27 -12.57
N LEU C 77 24.87 -18.16 -13.85
CA LEU C 77 23.92 -18.21 -14.97
C LEU C 77 23.16 -19.53 -14.96
N ASP C 78 23.87 -20.62 -14.67
CA ASP C 78 23.26 -21.93 -14.56
C ASP C 78 22.27 -22.00 -13.41
N ILE C 79 22.55 -21.32 -12.31
CA ILE C 79 21.61 -21.26 -11.20
C ILE C 79 20.35 -20.52 -11.65
N ILE C 80 20.51 -19.41 -12.37
CA ILE C 80 19.35 -18.65 -12.87
C ILE C 80 18.52 -19.50 -13.83
N ALA C 81 19.18 -20.21 -14.76
CA ALA C 81 18.48 -21.08 -15.71
C ALA C 81 17.70 -22.20 -15.02
N THR C 82 18.27 -22.76 -13.96
CA THR C 82 17.61 -23.84 -13.21
C THR C 82 16.35 -23.39 -12.46
N ILE C 83 16.29 -22.13 -12.06
CA ILE C 83 15.07 -21.55 -11.47
C ILE C 83 14.13 -20.92 -12.50
N ASN C 84 14.42 -21.12 -13.79
CA ASN C 84 13.58 -20.63 -14.90
C ASN C 84 13.39 -19.11 -14.97
N LYS C 85 14.50 -18.38 -14.87
CA LYS C 85 14.52 -16.95 -15.06
C LYS C 85 15.57 -16.67 -16.14
N GLY C 86 15.47 -15.51 -16.78
CA GLY C 86 16.45 -15.07 -17.75
C GLY C 86 17.49 -14.28 -17.02
N SER C 87 18.68 -14.17 -17.61
CA SER C 87 19.78 -13.39 -17.03
C SER C 87 20.15 -12.19 -17.89
N ILE C 88 20.52 -11.09 -17.21
CA ILE C 88 21.08 -9.89 -17.85
C ILE C 88 22.44 -9.70 -17.20
N VAL C 89 23.37 -9.19 -18.00
CA VAL C 89 24.75 -9.13 -17.64
C VAL C 89 25.40 -7.86 -18.24
N TRP C 90 26.30 -7.22 -17.48
CA TRP C 90 27.06 -6.07 -18.02
C TRP C 90 28.08 -6.64 -19.02
N GLN C 91 28.46 -5.82 -20.01
CA GLN C 91 29.31 -6.26 -21.13
C GLN C 91 30.59 -7.03 -20.82
N GLU C 92 31.22 -6.77 -19.66
CA GLU C 92 32.46 -7.43 -19.27
C GLU C 92 32.41 -8.94 -19.30
N VAL C 93 31.26 -9.48 -18.89
CA VAL C 93 30.99 -10.91 -18.90
C VAL C 93 31.09 -11.46 -20.34
N PHE C 94 30.56 -10.71 -21.30
CA PHE C 94 30.68 -11.07 -22.71
C PHE C 94 32.11 -10.84 -23.23
N ASP C 95 32.70 -9.70 -22.89
CA ASP C 95 34.05 -9.32 -23.34
C ASP C 95 35.16 -10.23 -22.83
N ASP C 96 35.01 -10.75 -21.62
CA ASP C 96 35.98 -11.65 -21.01
C ASP C 96 35.73 -13.13 -21.37
N LYS C 97 34.95 -13.35 -22.44
CA LYS C 97 34.81 -14.65 -23.09
C LYS C 97 34.13 -15.76 -22.29
N ALA C 98 33.15 -15.39 -21.49
CA ALA C 98 32.34 -16.36 -20.77
C ALA C 98 31.33 -16.94 -21.76
N LYS C 99 30.92 -18.18 -21.49
CA LYS C 99 29.96 -18.89 -22.33
C LYS C 99 28.58 -18.60 -21.82
N LEU C 100 27.81 -17.88 -22.63
CA LEU C 100 26.47 -17.44 -22.29
C LEU C 100 25.47 -18.25 -23.05
N ALA C 101 24.40 -18.66 -22.37
CA ALA C 101 23.34 -19.43 -22.99
C ALA C 101 22.57 -18.50 -23.89
N PRO C 102 22.02 -18.99 -25.01
CA PRO C 102 21.19 -18.12 -25.87
C PRO C 102 20.06 -17.53 -25.05
N GLY C 103 19.75 -16.26 -25.29
CA GLY C 103 18.73 -15.54 -24.55
C GLY C 103 19.30 -14.51 -23.59
N THR C 104 20.54 -14.74 -23.11
CA THR C 104 21.21 -13.85 -22.16
C THR C 104 21.34 -12.43 -22.70
N ILE C 105 20.79 -11.47 -21.99
CA ILE C 105 20.83 -10.11 -22.42
C ILE C 105 22.16 -9.50 -21.95
N VAL C 106 22.79 -8.73 -22.83
CA VAL C 106 24.05 -8.07 -22.52
C VAL C 106 23.80 -6.57 -22.48
N GLU C 107 24.12 -5.93 -21.37
CA GLU C 107 23.93 -4.49 -21.26
C GLU C 107 25.24 -3.78 -21.53
N VAL C 108 25.26 -2.96 -22.59
CA VAL C 108 26.48 -2.26 -23.01
C VAL C 108 26.56 -0.89 -22.31
N TRP C 109 27.52 -0.75 -21.40
CA TRP C 109 27.70 0.47 -20.62
C TRP C 109 28.99 1.25 -20.85
N LYS C 110 30.01 0.67 -21.47
CA LYS C 110 31.28 1.38 -21.65
C LYS C 110 31.21 2.35 -22.83
N ASP C 111 31.47 3.62 -22.56
CA ASP C 111 31.32 4.68 -23.55
C ASP C 111 32.32 4.65 -24.70
N SER C 112 33.47 3.99 -24.51
CA SER C 112 34.47 3.81 -25.57
C SER C 112 34.10 2.75 -26.62
N ALA C 113 34.00 3.17 -27.88
CA ALA C 113 33.65 2.30 -28.99
C ALA C 113 32.39 1.46 -28.76
N TYR C 114 31.37 2.05 -28.15
CA TYR C 114 30.15 1.30 -27.84
C TYR C 114 29.41 0.74 -29.07
N PRO C 115 29.36 1.46 -30.19
CA PRO C 115 28.73 0.89 -31.39
C PRO C 115 29.38 -0.43 -31.80
N GLU C 116 30.71 -0.49 -31.81
CA GLU C 116 31.41 -1.73 -32.10
C GLU C 116 31.12 -2.82 -31.06
N GLU C 117 30.85 -2.43 -29.81
CA GLU C 117 30.39 -3.40 -28.80
C GLU C 117 29.04 -3.93 -29.20
N LEU C 118 28.15 -3.04 -29.63
CA LEU C 118 26.83 -3.45 -30.09
C LEU C 118 26.95 -4.45 -31.26
N SER C 119 27.82 -4.18 -32.22
CA SER C 119 28.05 -5.08 -33.35
C SER C 119 28.50 -6.46 -32.88
N ARG C 120 29.53 -6.50 -32.04
CA ARG C 120 30.08 -7.77 -31.53
C ARG C 120 29.03 -8.61 -30.81
N VAL C 121 28.32 -7.98 -29.88
CA VAL C 121 27.29 -8.66 -29.07
C VAL C 121 26.20 -9.24 -29.94
N THR C 122 25.70 -8.43 -30.87
CA THR C 122 24.63 -8.85 -31.74
C THR C 122 25.09 -9.88 -32.75
N ALA C 123 26.27 -9.69 -33.35
CA ALA C 123 26.88 -10.67 -34.26
C ALA C 123 27.00 -12.06 -33.63
N SER C 124 27.29 -12.11 -32.33
CA SER C 124 27.36 -13.38 -31.59
C SER C 124 25.96 -13.96 -31.23
N GLY C 125 24.88 -13.30 -31.65
CA GLY C 125 23.53 -13.77 -31.44
C GLY C 125 22.76 -13.27 -30.23
N PHE C 126 23.37 -12.42 -29.39
CA PHE C 126 22.73 -12.03 -28.13
C PHE C 126 21.88 -10.75 -28.18
N PRO C 127 20.76 -10.73 -27.47
CA PRO C 127 19.98 -9.49 -27.32
C PRO C 127 20.78 -8.45 -26.54
N VAL C 128 20.67 -7.17 -26.91
CA VAL C 128 21.48 -6.12 -26.28
C VAL C 128 20.66 -4.95 -25.80
N ILE C 129 21.08 -4.37 -24.67
CA ILE C 129 20.52 -3.15 -24.08
C ILE C 129 21.63 -2.10 -24.04
N LEU C 130 21.33 -0.86 -24.43
CA LEU C 130 22.33 0.20 -24.40
C LEU C 130 22.14 1.17 -23.21
N SER C 131 23.23 1.39 -22.48
CA SER C 131 23.26 2.39 -21.44
C SER C 131 24.44 3.35 -21.56
N ALA C 132 25.48 2.98 -22.32
CA ALA C 132 26.70 3.76 -22.45
C ALA C 132 26.58 5.27 -22.60
N PRO C 133 25.78 5.78 -23.54
CA PRO C 133 25.73 7.24 -23.73
C PRO C 133 24.75 7.93 -22.80
N TRP C 134 24.12 7.22 -21.87
CA TRP C 134 23.04 7.78 -21.07
C TRP C 134 23.33 7.64 -19.58
N TYR C 135 24.53 8.08 -19.21
CA TYR C 135 24.92 8.09 -17.81
C TYR C 135 24.52 9.44 -17.23
N LEU C 136 23.33 9.48 -16.63
CA LEU C 136 22.78 10.72 -16.07
C LEU C 136 23.46 11.14 -14.78
N ASP C 137 24.15 10.22 -14.13
CA ASP C 137 24.99 10.62 -13.01
C ASP C 137 26.18 11.47 -13.50
N LEU C 138 26.62 11.33 -14.74
CA LEU C 138 27.72 12.15 -15.26
C LEU C 138 27.18 13.49 -15.71
N ILE C 139 26.98 14.37 -14.73
CA ILE C 139 26.44 15.71 -14.99
C ILE C 139 27.46 16.66 -15.64
N SER C 140 26.95 17.67 -16.34
CA SER C 140 27.80 18.65 -16.98
C SER C 140 26.99 19.92 -17.18
N TYR C 141 27.67 21.01 -17.52
CA TYR C 141 27.02 22.31 -17.68
C TYR C 141 26.16 22.34 -18.93
N GLY C 142 25.01 23.00 -18.85
CA GLY C 142 24.20 23.27 -20.02
C GLY C 142 23.16 22.24 -20.40
N GLN C 143 22.69 22.38 -21.62
CA GLN C 143 21.66 21.54 -22.17
C GLN C 143 22.16 20.18 -22.66
N ASP C 144 22.56 19.35 -21.69
CA ASP C 144 23.04 17.98 -21.96
C ASP C 144 21.89 17.02 -22.33
N TRP C 145 20.64 17.46 -22.14
CA TRP C 145 19.50 16.68 -22.63
C TRP C 145 19.58 16.44 -24.14
N ARG C 146 20.17 17.40 -24.86
CA ARG C 146 20.29 17.34 -26.31
C ARG C 146 21.22 16.23 -26.78
N LYS C 147 22.35 16.06 -26.10
CA LYS C 147 23.29 15.01 -26.48
C LYS C 147 22.67 13.62 -26.25
N TYR C 148 21.88 13.45 -25.19
CA TYR C 148 21.16 12.19 -24.94
C TYR C 148 20.07 11.98 -25.98
N TYR C 149 19.41 13.07 -26.36
CA TYR C 149 18.34 13.06 -27.36
C TYR C 149 18.86 12.76 -28.76
N LYS C 150 20.02 13.31 -29.10
CA LYS C 150 20.62 13.12 -30.42
C LYS C 150 21.19 11.72 -30.70
N VAL C 151 21.29 10.87 -29.67
CA VAL C 151 21.78 9.53 -29.87
C VAL C 151 20.80 8.80 -30.77
N GLU C 152 21.34 8.13 -31.78
CA GLU C 152 20.57 7.21 -32.60
C GLU C 152 21.16 5.82 -32.27
N PRO C 153 20.45 5.01 -31.47
CA PRO C 153 21.03 3.77 -30.96
C PRO C 153 21.35 2.71 -32.00
N LEU C 154 20.67 2.71 -33.15
CA LEU C 154 20.93 1.72 -34.19
C LEU C 154 22.02 2.13 -35.17
N ASP C 155 22.75 3.23 -34.91
CA ASP C 155 23.88 3.60 -35.75
C ASP C 155 25.12 2.85 -35.25
N PHE C 156 25.12 1.56 -35.56
CA PHE C 156 26.28 0.69 -35.37
C PHE C 156 26.27 -0.21 -36.61
N GLY C 157 27.36 -0.93 -36.84
CA GLY C 157 27.48 -1.77 -38.00
C GLY C 157 26.85 -3.14 -37.78
N GLY C 158 26.03 -3.58 -38.71
CA GLY C 158 25.42 -4.89 -38.62
C GLY C 158 24.25 -5.07 -39.54
N THR C 159 23.86 -6.32 -39.73
CA THR C 159 22.70 -6.69 -40.53
C THR C 159 21.41 -6.35 -39.80
N GLN C 160 20.28 -6.44 -40.50
CA GLN C 160 18.97 -6.24 -39.90
C GLN C 160 18.75 -7.17 -38.71
N LYS C 161 19.16 -8.42 -38.87
CA LYS C 161 19.05 -9.46 -37.85
C LYS C 161 19.72 -9.00 -36.55
N GLN C 162 20.91 -8.45 -36.67
CA GLN C 162 21.62 -7.89 -35.53
C GLN C 162 20.89 -6.70 -34.91
N LYS C 163 20.31 -5.86 -35.77
CA LYS C 163 19.57 -4.70 -35.30
C LYS C 163 18.24 -5.08 -34.64
N GLN C 164 17.65 -6.19 -35.05
CA GLN C 164 16.50 -6.75 -34.35
C GLN C 164 16.85 -7.25 -32.94
N LEU C 165 18.11 -7.63 -32.70
CA LEU C 165 18.55 -8.02 -31.36
C LEU C 165 18.68 -6.83 -30.36
N PHE C 166 18.75 -5.59 -30.85
CA PHE C 166 18.79 -4.41 -29.99
C PHE C 166 17.36 -4.20 -29.45
N ILE C 167 17.16 -4.50 -28.18
CA ILE C 167 15.82 -4.45 -27.56
C ILE C 167 15.53 -3.18 -26.78
N GLY C 168 16.53 -2.32 -26.58
CA GLY C 168 16.27 -1.05 -25.93
C GLY C 168 17.42 -0.46 -25.16
N GLY C 169 17.10 0.29 -24.12
CA GLY C 169 18.11 0.96 -23.35
C GLY C 169 17.66 1.41 -21.99
N GLU C 170 18.62 1.93 -21.23
CA GLU C 170 18.38 2.44 -19.90
C GLU C 170 19.17 3.72 -19.67
N ALA C 171 18.54 4.69 -18.98
CA ALA C 171 19.19 5.91 -18.56
C ALA C 171 19.62 5.61 -17.13
N CYS C 172 20.91 5.71 -16.84
CA CYS C 172 21.41 5.32 -15.54
C CYS C 172 21.77 6.47 -14.62
N LEU C 173 21.26 6.41 -13.39
CA LEU C 173 21.58 7.39 -12.37
C LEU C 173 22.26 6.71 -11.19
N TRP C 174 23.56 6.47 -11.33
CA TRP C 174 24.36 5.88 -10.26
C TRP C 174 24.41 6.80 -9.07
N GLY C 175 24.59 6.19 -7.90
CA GLY C 175 24.33 6.85 -6.63
C GLY C 175 25.43 7.47 -5.81
N GLU C 176 26.67 7.47 -6.28
CA GLU C 176 27.77 8.04 -5.51
C GLU C 176 27.49 9.48 -5.01
N TYR C 177 26.85 10.28 -5.86
CA TYR C 177 26.59 11.68 -5.57
C TYR C 177 25.11 12.00 -5.53
N VAL C 178 24.27 10.96 -5.50
CA VAL C 178 22.83 11.12 -5.52
C VAL C 178 22.12 10.52 -4.31
N ASP C 179 21.22 11.30 -3.70
CA ASP C 179 20.32 10.79 -2.68
C ASP C 179 18.97 11.52 -2.80
N ALA C 180 18.12 11.44 -1.78
CA ALA C 180 16.81 12.08 -1.78
C ALA C 180 16.83 13.60 -2.01
N THR C 181 17.87 14.27 -1.57
CA THR C 181 17.98 15.72 -1.71
C THR C 181 18.15 16.18 -3.16
N ASN C 182 18.71 15.34 -4.02
CA ASN C 182 19.01 15.76 -5.39
C ASN C 182 18.61 14.82 -6.56
N LEU C 183 18.05 13.64 -6.27
CA LEU C 183 17.70 12.65 -7.29
C LEU C 183 16.76 13.17 -8.37
N THR C 184 15.62 13.69 -7.93
CA THR C 184 14.58 14.09 -8.85
C THR C 184 14.98 15.20 -9.85
N PRO C 185 15.51 16.32 -9.39
CA PRO C 185 15.98 17.36 -10.32
C PRO C 185 17.09 16.85 -11.23
N ARG C 186 18.00 16.01 -10.75
CA ARG C 186 19.05 15.46 -11.60
C ARG C 186 18.47 14.54 -12.68
N LEU C 187 17.51 13.70 -12.30
CA LEU C 187 16.91 12.70 -13.18
C LEU C 187 15.99 13.30 -14.25
N TRP C 188 15.12 14.22 -13.85
CA TRP C 188 14.12 14.76 -14.76
C TRP C 188 14.35 16.23 -14.98
N PRO C 189 14.23 16.74 -16.22
CA PRO C 189 13.81 16.03 -17.43
C PRO C 189 14.93 15.47 -18.31
N ARG C 190 16.15 15.35 -17.80
CA ARG C 190 17.22 14.77 -18.62
C ARG C 190 16.89 13.36 -19.10
N ALA C 191 16.25 12.56 -18.25
CA ALA C 191 15.81 11.20 -18.63
C ALA C 191 14.67 11.22 -19.65
N SER C 192 13.90 12.31 -19.73
CA SER C 192 12.86 12.43 -20.73
C SER C 192 13.42 12.42 -22.15
N ALA C 193 14.66 12.88 -22.33
CA ALA C 193 15.33 12.84 -23.64
C ALA C 193 15.50 11.42 -24.12
N VAL C 194 15.92 10.54 -23.22
CA VAL C 194 16.13 9.12 -23.50
C VAL C 194 14.79 8.42 -23.73
N GLY C 195 13.77 8.82 -22.97
CA GLY C 195 12.44 8.26 -23.10
C GLY C 195 11.80 8.48 -24.47
N GLU C 196 12.01 9.63 -25.08
CA GLU C 196 11.48 9.89 -26.40
C GLU C 196 12.28 9.11 -27.41
N ARG C 197 13.61 9.14 -27.28
CA ARG C 197 14.47 8.41 -28.19
C ARG C 197 14.12 6.92 -28.20
N LEU C 198 13.76 6.37 -27.05
CA LEU C 198 13.39 4.97 -26.96
C LEU C 198 11.92 4.67 -27.32
N TRP C 199 11.01 5.65 -27.18
CA TRP C 199 9.62 5.44 -27.55
C TRP C 199 9.35 5.81 -29.00
N SER C 200 9.60 7.07 -29.35
CA SER C 200 9.24 7.64 -30.64
C SER C 200 10.04 7.13 -31.83
N SER C 201 9.58 7.49 -33.03
CA SER C 201 10.26 7.10 -34.25
C SER C 201 11.67 7.67 -34.33
N LYS C 202 12.50 6.93 -35.06
CA LYS C 202 13.88 7.26 -35.34
C LYS C 202 14.06 8.64 -35.93
N ASP C 203 13.15 9.03 -36.80
CA ASP C 203 13.25 10.32 -37.49
C ASP C 203 12.71 11.51 -36.71
N VAL C 204 12.18 11.28 -35.50
CA VAL C 204 11.74 12.36 -34.64
C VAL C 204 13.03 12.92 -34.00
N ARG C 205 13.57 13.97 -34.60
CA ARG C 205 14.76 14.62 -34.06
C ARG C 205 14.91 16.11 -34.29
N ASP C 206 13.81 16.81 -34.55
CA ASP C 206 13.83 18.25 -34.69
C ASP C 206 14.07 18.85 -33.29
N MET C 207 15.23 19.49 -33.15
CA MET C 207 15.66 20.03 -31.86
C MET C 207 14.78 21.15 -31.34
N ASP C 208 14.40 22.08 -32.21
CA ASP C 208 13.51 23.17 -31.81
C ASP C 208 12.17 22.66 -31.32
N ASP C 209 11.60 21.71 -32.04
CA ASP C 209 10.33 21.14 -31.66
C ASP C 209 10.47 20.34 -30.36
N ALA C 210 11.59 19.64 -30.19
CA ALA C 210 11.86 18.89 -28.97
C ALA C 210 11.98 19.83 -27.77
N TYR C 211 12.63 20.97 -27.97
CA TYR C 211 12.77 21.95 -26.91
C TYR C 211 11.40 22.51 -26.54
N ASP C 212 10.60 22.82 -27.56
CA ASP C 212 9.26 23.37 -27.33
C ASP C 212 8.39 22.43 -26.50
N ARG C 213 8.30 21.15 -26.88
CA ARG C 213 7.48 20.17 -26.17
C ARG C 213 8.06 19.74 -24.82
N LEU C 214 9.38 19.70 -24.69
CA LEU C 214 9.99 19.27 -23.43
C LEU C 214 9.91 20.32 -22.28
N THR C 215 10.01 21.61 -22.60
CA THR C 215 9.79 22.63 -21.57
C THR C 215 8.35 22.56 -21.04
N ARG C 216 7.40 22.34 -21.94
CA ARG C 216 6.00 22.27 -21.56
C ARG C 216 5.73 20.99 -20.77
N HIS C 217 6.30 19.88 -21.23
CA HIS C 217 6.24 18.60 -20.53
C HIS C 217 6.90 18.67 -19.17
N ARG C 218 8.04 19.32 -19.10
CA ARG C 218 8.72 19.51 -17.82
C ARG C 218 7.83 20.31 -16.85
N CYS C 219 7.20 21.37 -17.35
CA CYS C 219 6.24 22.12 -16.54
C CYS C 219 5.10 21.21 -16.08
N ARG C 220 4.66 20.30 -16.94
CA ARG C 220 3.65 19.31 -16.56
C ARG C 220 4.14 18.41 -15.41
N MET C 221 5.36 17.91 -15.49
CA MET C 221 5.92 17.10 -14.41
C MET C 221 5.91 17.86 -13.07
N VAL C 222 6.33 19.13 -13.12
CA VAL C 222 6.32 20.00 -11.95
C VAL C 222 4.91 20.16 -11.38
N GLU C 223 3.91 20.40 -12.23
CA GLU C 223 2.52 20.54 -11.79
C GLU C 223 2.01 19.26 -11.08
N ARG C 224 2.51 18.12 -11.53
CA ARG C 224 2.16 16.82 -10.96
C ARG C 224 3.02 16.37 -9.77
N GLY C 225 3.85 17.26 -9.21
CA GLY C 225 4.66 16.95 -8.05
C GLY C 225 6.05 16.40 -8.28
N ILE C 226 6.52 16.38 -9.53
CA ILE C 226 7.88 15.94 -9.83
C ILE C 226 8.70 17.19 -10.02
N ALA C 227 9.68 17.43 -9.16
CA ALA C 227 10.51 18.62 -9.22
C ALA C 227 11.57 18.51 -10.31
N ALA C 228 11.13 18.46 -11.57
CA ALA C 228 12.02 18.38 -12.70
C ALA C 228 12.69 19.73 -12.92
N GLN C 229 14.00 19.71 -13.15
CA GLN C 229 14.77 20.95 -13.30
C GLN C 229 14.53 21.67 -14.65
N PRO C 230 14.85 22.97 -14.76
CA PRO C 230 14.63 23.67 -16.03
C PRO C 230 15.53 23.22 -17.17
N LEU C 231 15.10 23.54 -18.39
CA LEU C 231 15.91 23.32 -19.58
C LEU C 231 16.77 24.55 -19.82
N TYR C 232 16.21 25.72 -19.58
CA TYR C 232 16.89 26.98 -19.84
C TYR C 232 16.09 28.03 -19.09
N ALA C 233 16.46 29.30 -19.23
CA ALA C 233 15.72 30.40 -18.64
C ALA C 233 14.25 30.33 -19.03
N GLY C 234 13.38 30.79 -18.14
CA GLY C 234 11.95 30.74 -18.39
C GLY C 234 11.13 30.68 -17.12
N TYR C 235 9.87 30.28 -17.27
CA TYR C 235 8.96 30.10 -16.15
C TYR C 235 7.86 29.13 -16.58
N CYS C 236 7.09 28.64 -15.61
CA CYS C 236 5.95 27.76 -15.89
C CYS C 236 4.63 28.50 -15.65
N ASN C 237 3.54 27.93 -16.16
CA ASN C 237 2.17 28.48 -16.05
C ASN C 237 1.90 29.54 -17.11
N ALA D 6 2.31 6.50 33.31
CA ALA D 6 2.48 7.08 31.92
C ALA D 6 1.90 6.16 30.84
N LEU D 7 1.42 5.01 31.28
CA LEU D 7 0.85 4.00 30.43
C LEU D 7 -0.63 4.26 30.18
N TRP D 8 -1.07 4.02 28.95
CA TRP D 8 -2.48 4.16 28.57
C TRP D 8 -2.79 3.23 27.39
N PRO D 9 -3.73 2.30 27.53
CA PRO D 9 -4.45 1.96 28.77
C PRO D 9 -3.56 1.37 29.87
N LEU D 10 -3.97 1.52 31.14
CA LEU D 10 -3.19 0.98 32.25
C LEU D 10 -3.22 -0.56 32.20
N PRO D 11 -2.06 -1.21 32.09
CA PRO D 11 -2.03 -2.68 32.03
C PRO D 11 -2.58 -3.34 33.28
N LEU D 12 -3.00 -4.59 33.13
CA LEU D 12 -3.57 -5.38 34.21
C LEU D 12 -2.67 -5.41 35.44
N SER D 13 -1.39 -5.68 35.23
CA SER D 13 -0.43 -5.74 36.34
C SER D 13 0.87 -5.06 35.91
N VAL D 14 1.31 -4.10 36.72
CA VAL D 14 2.53 -3.35 36.47
C VAL D 14 3.40 -3.34 37.74
N LYS D 15 4.63 -3.82 37.63
CA LYS D 15 5.57 -3.84 38.74
C LYS D 15 6.81 -3.08 38.32
N MET D 16 6.93 -1.84 38.79
CA MET D 16 8.04 -0.96 38.44
C MET D 16 9.07 -0.90 39.57
N THR D 17 10.35 -0.82 39.20
CA THR D 17 11.41 -0.63 40.17
C THR D 17 11.97 0.77 39.91
N PRO D 18 12.80 1.29 40.81
CA PRO D 18 13.48 2.56 40.56
C PRO D 18 14.79 2.39 39.78
N ASN D 19 15.11 1.19 39.29
CA ASN D 19 16.34 0.94 38.55
C ASN D 19 16.25 1.41 37.10
N LEU D 20 17.02 2.43 36.76
CA LEU D 20 17.03 2.98 35.40
C LEU D 20 18.01 2.27 34.51
N LEU D 21 17.61 2.05 33.26
CA LEU D 21 18.46 1.49 32.22
C LEU D 21 18.44 2.51 31.09
N HIS D 22 19.38 2.41 30.16
CA HIS D 22 19.50 3.35 29.06
C HIS D 22 19.50 2.66 27.72
N LEU D 23 19.11 3.39 26.68
CA LEU D 23 19.00 2.85 25.33
C LEU D 23 19.76 3.72 24.34
N ALA D 24 20.45 3.08 23.40
CA ALA D 24 21.20 3.78 22.36
C ALA D 24 20.48 3.57 21.03
N PRO D 25 19.87 4.59 20.44
CA PRO D 25 19.11 4.48 19.18
C PRO D 25 19.71 3.61 18.06
N GLU D 26 20.89 3.94 17.54
CA GLU D 26 21.48 3.12 16.47
C GLU D 26 22.20 1.86 16.99
N ASN D 27 21.97 1.49 18.26
CA ASN D 27 22.49 0.27 18.87
C ASN D 27 21.39 -0.37 19.76
N PHE D 28 20.14 -0.29 19.32
CA PHE D 28 19.02 -0.94 19.99
C PHE D 28 18.21 -1.57 18.89
N TYR D 29 17.93 -2.85 19.06
CA TYR D 29 17.23 -3.65 18.09
C TYR D 29 16.00 -4.30 18.73
N ILE D 30 14.99 -4.55 17.90
CA ILE D 30 13.83 -5.31 18.31
C ILE D 30 13.88 -6.49 17.35
N SER D 31 13.82 -7.70 17.89
CA SER D 31 13.95 -8.89 17.06
C SER D 31 13.32 -10.13 17.68
N HIS D 32 13.26 -11.18 16.86
CA HIS D 32 12.64 -12.44 17.24
C HIS D 32 13.58 -13.20 18.14
N SER D 33 13.06 -13.73 19.24
CA SER D 33 13.86 -14.58 20.09
C SER D 33 14.03 -15.91 19.35
N PRO D 34 15.10 -16.65 19.61
CA PRO D 34 15.28 -17.96 18.95
C PRO D 34 14.18 -19.01 19.22
N ASN D 35 13.51 -18.96 20.38
CA ASN D 35 12.42 -19.91 20.67
C ASN D 35 11.06 -19.55 20.01
N SER D 36 10.98 -18.40 19.33
CA SER D 36 9.72 -17.93 18.78
C SER D 36 9.15 -18.71 17.59
N THR D 37 7.83 -18.84 17.55
CA THR D 37 7.14 -19.44 16.41
C THR D 37 7.07 -18.47 15.22
N ALA D 38 7.42 -17.19 15.44
CA ALA D 38 7.48 -16.18 14.40
C ALA D 38 8.94 -15.88 14.07
N GLY D 39 9.18 -15.40 12.86
CA GLY D 39 10.52 -15.09 12.37
C GLY D 39 10.47 -14.04 11.28
N PRO D 40 11.59 -13.81 10.57
CA PRO D 40 11.68 -12.80 9.49
C PRO D 40 10.60 -12.78 8.42
N SER D 41 10.02 -13.93 8.12
CA SER D 41 8.91 -14.03 7.18
C SER D 41 7.62 -13.41 7.70
N CYS D 42 7.56 -13.16 9.00
CA CYS D 42 6.39 -12.57 9.60
C CYS D 42 6.38 -11.08 9.33
N THR D 43 5.71 -10.70 8.24
CA THR D 43 5.58 -9.32 7.84
C THR D 43 5.02 -8.43 8.94
N LEU D 44 4.00 -8.92 9.61
CA LEU D 44 3.31 -8.16 10.64
C LEU D 44 4.27 -7.68 11.73
N LEU D 45 5.08 -8.60 12.27
CA LEU D 45 6.06 -8.23 13.31
C LEU D 45 7.25 -7.43 12.79
N GLU D 46 7.75 -7.74 11.60
CA GLU D 46 8.84 -6.98 11.03
C GLU D 46 8.45 -5.51 10.81
N GLU D 47 7.25 -5.27 10.31
CA GLU D 47 6.77 -3.90 10.11
C GLU D 47 6.56 -3.21 11.44
N ALA D 48 6.05 -3.93 12.43
CA ALA D 48 5.83 -3.42 13.76
C ALA D 48 7.13 -3.09 14.47
N PHE D 49 8.11 -3.99 14.40
CA PHE D 49 9.42 -3.74 15.02
C PHE D 49 10.00 -2.42 14.50
N ARG D 50 9.96 -2.24 13.17
CA ARG D 50 10.50 -1.04 12.55
C ARG D 50 9.76 0.23 12.94
N ARG D 51 8.43 0.23 12.90
CA ARG D 51 7.71 1.46 13.26
C ARG D 51 7.79 1.81 14.76
N TYR D 52 7.85 0.80 15.62
CA TYR D 52 7.99 1.09 17.06
C TYR D 52 9.39 1.62 17.42
N HIS D 53 10.39 1.21 16.65
CA HIS D 53 11.71 1.77 16.79
C HIS D 53 11.64 3.27 16.51
N GLY D 54 10.93 3.63 15.43
CA GLY D 54 10.72 5.00 15.06
C GLY D 54 9.95 5.81 16.10
N TYR D 55 8.93 5.21 16.73
CA TYR D 55 8.17 5.90 17.76
C TYR D 55 8.99 6.10 19.03
N ILE D 56 9.73 5.08 19.43
CA ILE D 56 10.58 5.15 20.62
C ILE D 56 11.71 6.20 20.52
N PHE D 57 12.35 6.30 19.35
CA PHE D 57 13.50 7.19 19.16
C PHE D 57 13.31 8.37 18.21
N GLY D 58 12.19 8.45 17.48
CA GLY D 58 11.95 9.55 16.56
C GLY D 58 12.05 10.94 17.14
N THR E 1 23.74 -0.98 32.55
CA THR E 1 22.66 0.03 32.50
C THR E 1 22.12 0.23 31.08
N GLN E 2 22.55 -0.59 30.11
CA GLN E 2 22.04 -0.51 28.74
C GLN E 2 21.13 -1.67 28.36
N VAL E 3 19.89 -1.37 27.96
CA VAL E 3 19.01 -2.37 27.34
C VAL E 3 19.48 -2.34 25.89
N GLN E 4 19.95 -3.47 25.39
CA GLN E 4 20.47 -3.57 24.02
C GLN E 4 19.46 -4.10 23.02
N GLN E 5 18.51 -4.89 23.48
CA GLN E 5 17.54 -5.53 22.63
C GLN E 5 16.24 -5.69 23.33
N LEU E 6 15.18 -5.72 22.54
CA LEU E 6 13.88 -6.15 23.01
C LEU E 6 13.71 -7.41 22.18
N LEU E 7 13.66 -8.57 22.85
CA LEU E 7 13.45 -9.83 22.16
C LEU E 7 11.96 -10.16 22.26
N VAL E 8 11.36 -10.53 21.13
CA VAL E 8 9.93 -10.80 21.05
C VAL E 8 9.77 -12.27 20.81
N SER E 9 9.07 -12.95 21.72
CA SER E 9 8.90 -14.38 21.67
C SER E 9 7.43 -14.74 21.57
N ILE E 10 7.05 -15.45 20.50
CA ILE E 10 5.67 -15.87 20.35
C ILE E 10 5.58 -17.38 20.68
N THR E 11 4.72 -17.69 21.65
CA THR E 11 4.63 -19.01 22.26
C THR E 11 3.92 -20.06 21.42
N LEU E 12 2.71 -19.76 20.98
CA LEU E 12 1.87 -20.68 20.21
C LEU E 12 1.93 -20.31 18.73
N GLN E 13 1.14 -21.00 17.90
CA GLN E 13 1.06 -20.67 16.48
C GLN E 13 0.76 -19.18 16.38
N SER E 14 1.66 -18.46 15.74
CA SER E 14 1.69 -17.00 15.73
C SER E 14 0.42 -16.31 15.28
N GLU E 15 -0.20 -16.85 14.23
CA GLU E 15 -1.34 -16.27 13.53
C GLU E 15 -0.91 -15.04 12.72
N CYS E 16 0.38 -14.97 12.38
CA CYS E 16 0.98 -13.86 11.63
C CYS E 16 0.29 -13.50 10.32
N ASP E 17 -0.15 -14.52 9.59
CA ASP E 17 -0.78 -14.36 8.28
C ASP E 17 -2.28 -14.33 8.32
N ALA E 18 -2.89 -14.34 9.51
CA ALA E 18 -4.34 -14.35 9.62
C ALA E 18 -4.90 -12.97 9.90
N PHE E 19 -6.22 -12.87 9.86
CA PHE E 19 -6.92 -11.66 10.25
C PHE E 19 -7.39 -11.92 11.66
N PRO E 20 -7.44 -10.90 12.50
CA PRO E 20 -7.86 -11.11 13.88
C PRO E 20 -9.38 -11.26 13.90
N ASN E 21 -9.89 -11.82 14.98
CA ASN E 21 -11.32 -12.03 15.16
C ASN E 21 -11.66 -11.82 16.63
N ILE E 22 -12.93 -11.97 16.96
CA ILE E 22 -13.41 -11.75 18.32
C ILE E 22 -12.66 -12.54 19.41
N SER E 23 -12.15 -13.73 19.09
CA SER E 23 -11.45 -14.57 20.06
C SER E 23 -9.91 -14.46 20.02
N SER E 24 -9.35 -13.46 19.34
CA SER E 24 -7.89 -13.31 19.22
C SER E 24 -7.23 -12.97 20.56
N ASP E 25 -6.24 -13.77 20.94
CA ASP E 25 -5.51 -13.58 22.19
C ASP E 25 -4.54 -12.38 22.10
N GLU E 26 -4.85 -11.35 22.88
CA GLU E 26 -4.05 -10.13 22.91
C GLU E 26 -3.27 -10.00 24.22
N SER E 27 -3.08 -11.12 24.92
CA SER E 27 -2.34 -11.07 26.18
C SER E 27 -0.85 -11.10 25.92
N TYR E 28 -0.10 -10.52 26.85
CA TYR E 28 1.36 -10.50 26.78
C TYR E 28 1.98 -10.25 28.15
N THR E 29 3.28 -10.52 28.23
CA THR E 29 4.08 -10.17 29.40
C THR E 29 5.34 -9.46 28.88
N LEU E 30 5.70 -8.38 29.56
CA LEU E 30 6.85 -7.57 29.22
C LEU E 30 7.83 -7.58 30.39
N LEU E 31 9.07 -8.02 30.13
CA LEU E 31 10.11 -8.08 31.15
C LEU E 31 11.20 -7.09 30.77
N VAL E 32 11.22 -5.95 31.43
CA VAL E 32 12.22 -4.95 31.12
C VAL E 32 13.40 -5.16 32.06
N LYS E 33 14.49 -5.67 31.52
CA LYS E 33 15.70 -5.96 32.28
C LYS E 33 16.92 -5.82 31.37
N GLU E 34 18.08 -5.85 32.00
CA GLU E 34 19.36 -5.67 31.35
C GLU E 34 20.06 -7.01 31.10
N PRO E 35 20.68 -7.24 29.94
CA PRO E 35 20.73 -6.32 28.80
C PRO E 35 19.63 -6.55 27.75
N VAL E 36 18.82 -7.61 27.90
CA VAL E 36 17.80 -7.98 26.93
C VAL E 36 16.43 -7.85 27.58
N ALA E 37 15.58 -7.01 27.02
CA ALA E 37 14.21 -6.89 27.46
C ALA E 37 13.46 -7.99 26.72
N VAL E 38 12.42 -8.57 27.34
CA VAL E 38 11.68 -9.68 26.73
C VAL E 38 10.18 -9.37 26.64
N LEU E 39 9.63 -9.57 25.44
CA LEU E 39 8.20 -9.44 25.19
C LEU E 39 7.71 -10.83 24.79
N LYS E 40 6.83 -11.40 25.62
CA LYS E 40 6.30 -12.74 25.38
C LYS E 40 4.78 -12.67 25.19
N ALA E 41 4.27 -13.29 24.14
CA ALA E 41 2.84 -13.31 23.85
C ALA E 41 2.47 -14.65 23.25
N ASN E 42 1.26 -15.12 23.54
CA ASN E 42 0.78 -16.36 22.94
C ASN E 42 0.66 -16.26 21.43
N ARG E 43 0.30 -15.07 20.96
CA ARG E 43 0.08 -14.80 19.58
C ARG E 43 0.66 -13.45 19.21
N VAL E 44 0.71 -13.23 17.90
CA VAL E 44 1.16 -12.01 17.28
C VAL E 44 0.38 -10.78 17.76
N TRP E 45 -0.91 -10.98 18.05
CA TRP E 45 -1.80 -9.90 18.49
C TRP E 45 -1.34 -9.32 19.83
N GLY E 46 -0.97 -10.18 20.77
CA GLY E 46 -0.45 -9.73 22.06
C GLY E 46 0.90 -9.02 21.96
N ALA E 47 1.74 -9.47 21.04
CA ALA E 47 3.02 -8.84 20.78
C ALA E 47 2.83 -7.39 20.29
N LEU E 48 1.82 -7.13 19.46
CA LEU E 48 1.57 -5.77 18.99
C LEU E 48 1.19 -4.86 20.14
N ARG E 49 0.40 -5.38 21.07
CA ARG E 49 -0.03 -4.58 22.21
C ARG E 49 1.16 -4.30 23.13
N GLY E 50 1.99 -5.31 23.36
CA GLY E 50 3.16 -5.17 24.21
C GLY E 50 4.18 -4.19 23.68
N LEU E 51 4.31 -4.14 22.36
CA LEU E 51 5.19 -3.19 21.72
C LEU E 51 4.75 -1.78 21.98
N GLU E 52 3.44 -1.52 21.87
CA GLU E 52 2.91 -0.20 22.19
C GLU E 52 3.30 0.14 23.60
N THR E 53 2.96 -0.74 24.54
CA THR E 53 3.27 -0.55 25.96
C THR E 53 4.74 -0.28 26.22
N PHE E 54 5.61 -1.03 25.54
CA PHE E 54 7.04 -0.83 25.67
C PHE E 54 7.44 0.56 25.21
N SER E 55 6.82 1.06 24.15
CA SER E 55 7.09 2.41 23.67
C SER E 55 6.68 3.47 24.70
N GLN E 56 5.64 3.18 25.47
CA GLN E 56 5.17 4.10 26.49
C GLN E 56 6.10 4.14 27.73
N LEU E 57 6.95 3.13 27.90
CA LEU E 57 7.90 3.07 29.01
C LEU E 57 9.20 3.79 28.77
N VAL E 58 9.59 3.99 27.52
CA VAL E 58 10.84 4.67 27.21
C VAL E 58 10.60 6.15 27.33
N TYR E 59 11.51 6.85 27.99
CA TYR E 59 11.44 8.31 28.09
C TYR E 59 12.84 8.93 28.05
N GLN E 60 12.89 10.22 27.72
CA GLN E 60 14.14 10.96 27.74
C GLN E 60 14.22 11.71 29.05
N ASP E 61 15.37 11.64 29.72
CA ASP E 61 15.59 12.38 30.97
C ASP E 61 15.87 13.85 30.67
N SER E 62 16.24 14.61 31.69
CA SER E 62 16.48 16.04 31.52
C SER E 62 17.57 16.42 30.53
N TYR E 63 18.55 15.54 30.33
CA TYR E 63 19.65 15.78 29.39
C TYR E 63 19.49 15.10 28.04
N GLY E 64 18.29 14.62 27.70
CA GLY E 64 18.04 13.93 26.45
C GLY E 64 18.32 12.43 26.46
N THR E 65 18.78 11.88 27.58
CA THR E 65 19.15 10.49 27.65
C THR E 65 17.95 9.50 27.66
N PHE E 66 17.94 8.60 26.68
CA PHE E 66 16.88 7.61 26.56
C PHE E 66 16.99 6.65 27.73
N THR E 67 15.88 6.53 28.45
CA THR E 67 15.82 5.81 29.71
C THR E 67 14.60 4.93 29.80
N ILE E 68 14.71 3.87 30.60
CA ILE E 68 13.59 3.02 30.93
C ILE E 68 13.81 2.42 32.31
N ASN E 69 12.71 2.27 33.05
CA ASN E 69 12.73 1.61 34.34
C ASN E 69 12.65 0.12 34.18
N GLU E 70 13.43 -0.60 34.99
CA GLU E 70 13.37 -2.03 35.04
C GLU E 70 11.98 -2.35 35.60
N SER E 71 11.26 -3.24 34.94
CA SER E 71 9.88 -3.52 35.30
C SER E 71 9.39 -4.84 34.73
N THR E 72 8.23 -5.26 35.23
CA THR E 72 7.55 -6.48 34.83
C THR E 72 6.08 -6.14 34.64
N ILE E 73 5.55 -6.40 33.45
CA ILE E 73 4.17 -6.12 33.14
C ILE E 73 3.50 -7.39 32.65
N ILE E 74 2.31 -7.67 33.17
CA ILE E 74 1.46 -8.77 32.71
C ILE E 74 0.15 -8.09 32.30
N ASP E 75 -0.30 -8.34 31.08
CA ASP E 75 -1.44 -7.63 30.56
C ASP E 75 -2.30 -8.42 29.61
N SER E 76 -3.60 -8.14 29.64
CA SER E 76 -4.59 -8.72 28.74
C SER E 76 -5.84 -7.86 28.89
N PRO E 77 -6.69 -7.77 27.87
CA PRO E 77 -7.88 -6.93 27.93
C PRO E 77 -9.07 -7.47 28.69
N ARG E 78 -9.84 -6.56 29.28
CA ARG E 78 -11.08 -6.92 29.96
C ARG E 78 -12.15 -7.43 28.98
N PHE E 79 -12.35 -6.73 27.87
CA PHE E 79 -13.32 -7.09 26.83
C PHE E 79 -12.60 -7.20 25.49
N SER E 80 -13.11 -8.05 24.61
CA SER E 80 -12.46 -8.29 23.33
C SER E 80 -12.93 -7.40 22.18
N HIS E 81 -14.16 -6.86 22.28
CA HIS E 81 -14.67 -5.98 21.23
C HIS E 81 -14.49 -4.54 21.69
N ARG E 82 -13.48 -3.87 21.15
CA ARG E 82 -13.16 -2.50 21.52
C ARG E 82 -13.04 -1.69 20.25
N GLY E 83 -14.14 -1.04 19.86
CA GLY E 83 -14.22 -0.36 18.58
C GLY E 83 -14.46 1.13 18.50
N ILE E 84 -14.21 1.66 17.30
CA ILE E 84 -14.46 3.03 16.92
C ILE E 84 -15.36 2.97 15.70
N LEU E 85 -16.50 3.65 15.73
CA LEU E 85 -17.34 3.76 14.54
C LEU E 85 -17.00 5.04 13.80
N ILE E 86 -16.77 4.92 12.49
CA ILE E 86 -16.60 6.07 11.62
C ILE E 86 -17.76 6.05 10.63
N ASP E 87 -18.08 7.23 10.12
CA ASP E 87 -19.23 7.45 9.25
C ASP E 87 -18.67 8.17 8.03
N THR E 88 -18.55 7.43 6.92
CA THR E 88 -18.03 7.96 5.68
C THR E 88 -19.10 8.28 4.62
N SER E 89 -20.36 8.36 5.05
CA SER E 89 -21.49 8.69 4.18
C SER E 89 -21.92 10.14 4.37
N ARG E 90 -22.13 10.52 5.63
CA ARG E 90 -22.52 11.89 5.98
C ARG E 90 -21.44 12.86 5.48
N HIS E 91 -20.20 12.45 5.64
CA HIS E 91 -19.07 13.10 5.01
C HIS E 91 -18.10 12.04 4.58
N TYR E 92 -17.60 12.14 3.36
CA TYR E 92 -16.57 11.25 2.87
C TYR E 92 -15.30 11.54 3.63
N LEU E 93 -14.57 10.51 4.01
CA LEU E 93 -13.30 10.65 4.68
C LEU E 93 -12.21 10.10 3.78
N PRO E 94 -11.19 10.90 3.44
CA PRO E 94 -10.09 10.40 2.62
C PRO E 94 -9.42 9.18 3.26
N VAL E 95 -8.90 8.30 2.44
CA VAL E 95 -8.26 7.09 2.94
C VAL E 95 -7.20 7.44 4.00
N LYS E 96 -6.45 8.50 3.75
CA LYS E 96 -5.38 8.95 4.65
C LYS E 96 -5.79 9.14 6.10
N ILE E 97 -6.92 9.80 6.33
CA ILE E 97 -7.38 10.03 7.68
C ILE E 97 -7.99 8.76 8.33
N ILE E 98 -8.48 7.84 7.52
CA ILE E 98 -8.88 6.54 8.01
C ILE E 98 -7.62 5.80 8.50
N LEU E 99 -6.51 5.91 7.76
CA LEU E 99 -5.28 5.24 8.16
C LEU E 99 -4.70 5.84 9.45
N LYS E 100 -4.77 7.17 9.59
CA LYS E 100 -4.34 7.83 10.83
C LYS E 100 -5.18 7.42 12.03
N THR E 101 -6.49 7.26 11.81
CA THR E 101 -7.42 6.82 12.84
C THR E 101 -7.02 5.42 13.32
N LEU E 102 -6.68 4.52 12.40
CA LEU E 102 -6.20 3.20 12.77
C LEU E 102 -4.88 3.27 13.56
N ASP E 103 -4.01 4.23 13.22
CA ASP E 103 -2.77 4.42 13.99
C ASP E 103 -3.09 4.86 15.43
N ALA E 104 -3.98 5.83 15.57
CA ALA E 104 -4.46 6.26 16.89
C ALA E 104 -5.12 5.11 17.64
N MET E 105 -5.89 4.28 16.94
CA MET E 105 -6.53 3.13 17.55
C MET E 105 -5.47 2.17 18.12
N ALA E 106 -4.43 1.88 17.34
CA ALA E 106 -3.33 1.04 17.81
C ALA E 106 -2.64 1.63 19.05
N PHE E 107 -2.45 2.95 19.07
CA PHE E 107 -1.87 3.64 20.23
C PHE E 107 -2.70 3.52 21.49
N ASN E 108 -4.01 3.35 21.30
CA ASN E 108 -4.98 3.21 22.38
C ASN E 108 -5.50 1.78 22.60
N LYS E 109 -4.97 0.81 21.84
CA LYS E 109 -5.36 -0.60 21.92
C LYS E 109 -6.83 -0.90 21.57
N PHE E 110 -7.40 -0.11 20.67
CA PHE E 110 -8.70 -0.40 20.10
C PHE E 110 -8.40 -1.43 19.04
N ASN E 111 -9.35 -2.33 18.77
CA ASN E 111 -9.13 -3.44 17.85
C ASN E 111 -10.25 -3.74 16.83
N VAL E 112 -11.24 -2.87 16.73
CA VAL E 112 -12.29 -3.03 15.73
C VAL E 112 -12.57 -1.68 15.10
N LEU E 113 -12.49 -1.59 13.76
CA LEU E 113 -12.95 -0.38 13.07
C LEU E 113 -14.38 -0.66 12.55
N HIS E 114 -15.37 -0.03 13.17
CA HIS E 114 -16.77 -0.17 12.73
C HIS E 114 -16.99 0.87 11.64
N TRP E 115 -16.88 0.44 10.38
CA TRP E 115 -16.99 1.34 9.25
C TRP E 115 -18.43 1.45 8.73
N HIS E 116 -19.12 2.50 9.17
CA HIS E 116 -20.47 2.82 8.68
C HIS E 116 -20.23 3.49 7.33
N ILE E 117 -20.00 2.63 6.34
CA ILE E 117 -19.52 3.08 5.04
C ILE E 117 -20.56 3.83 4.19
N VAL E 118 -21.82 3.43 4.28
CA VAL E 118 -22.89 4.02 3.48
C VAL E 118 -24.04 4.44 4.38
N ASP E 119 -24.80 5.44 3.96
CA ASP E 119 -26.01 5.89 4.67
C ASP E 119 -26.88 6.65 3.65
N ASP E 120 -27.86 7.44 4.10
CA ASP E 120 -28.76 8.18 3.21
C ASP E 120 -28.10 9.17 2.28
N GLN E 121 -27.17 9.93 2.84
CA GLN E 121 -26.60 11.06 2.16
C GLN E 121 -25.70 10.71 0.97
N SER E 122 -24.97 9.60 1.06
CA SER E 122 -24.05 9.20 0.00
C SER E 122 -23.66 7.74 0.10
N PHE E 123 -23.30 7.18 -1.04
CA PHE E 123 -22.87 5.79 -1.18
C PHE E 123 -21.44 5.75 -1.74
N PRO E 124 -20.43 5.91 -0.88
CA PRO E 124 -19.04 5.87 -1.39
C PRO E 124 -18.47 4.47 -1.68
N TYR E 125 -19.08 3.40 -1.20
CA TYR E 125 -18.55 2.06 -1.46
C TYR E 125 -18.69 1.68 -2.92
N GLN E 126 -17.58 1.41 -3.60
CA GLN E 126 -17.63 1.00 -5.01
C GLN E 126 -17.85 -0.50 -5.07
N SER E 127 -19.03 -0.91 -5.52
CA SER E 127 -19.35 -2.33 -5.68
C SER E 127 -18.99 -2.75 -7.08
N ILE E 128 -18.36 -3.91 -7.18
CA ILE E 128 -17.97 -4.47 -8.45
C ILE E 128 -19.18 -5.09 -9.14
N THR E 129 -20.02 -5.82 -8.39
CA THR E 129 -21.23 -6.41 -8.98
C THR E 129 -22.27 -5.34 -9.33
N PHE E 130 -22.37 -4.27 -8.54
CA PHE E 130 -23.34 -3.20 -8.77
C PHE E 130 -22.65 -1.83 -8.86
N PRO E 131 -21.91 -1.57 -9.95
CA PRO E 131 -21.15 -0.32 -10.12
C PRO E 131 -21.95 0.98 -10.04
N GLU E 132 -23.22 0.93 -10.42
CA GLU E 132 -24.05 2.12 -10.43
C GLU E 132 -24.35 2.67 -9.05
N LEU E 133 -24.24 1.83 -8.02
CA LEU E 133 -24.47 2.28 -6.66
C LEU E 133 -23.61 3.45 -6.29
N SER E 134 -22.30 3.31 -6.50
CA SER E 134 -21.38 4.41 -6.23
C SER E 134 -21.46 5.45 -7.34
N ASN E 135 -21.59 5.04 -8.61
CA ASN E 135 -21.63 6.00 -9.71
C ASN E 135 -22.78 7.01 -9.58
N LYS E 136 -23.93 6.54 -9.11
CA LYS E 136 -25.12 7.37 -8.97
C LYS E 136 -25.42 7.84 -7.55
N GLY E 137 -24.93 7.16 -6.52
CA GLY E 137 -25.20 7.50 -5.14
C GLY E 137 -24.09 8.26 -4.40
N SER E 138 -22.86 8.27 -4.92
CA SER E 138 -21.78 8.99 -4.25
C SER E 138 -21.94 10.50 -4.42
N TYR E 139 -21.21 11.25 -3.61
CA TYR E 139 -21.24 12.70 -3.73
C TYR E 139 -20.67 13.13 -5.07
N SER E 140 -19.60 12.46 -5.49
CA SER E 140 -19.00 12.70 -6.78
C SER E 140 -18.01 11.58 -6.96
N LEU E 141 -17.42 11.53 -8.14
CA LEU E 141 -16.45 10.49 -8.48
C LEU E 141 -15.17 10.42 -7.65
N SER E 142 -14.78 11.54 -7.03
CA SER E 142 -13.61 11.54 -6.16
C SER E 142 -13.93 11.20 -4.70
N HIS E 143 -15.22 11.05 -4.37
CA HIS E 143 -15.67 10.68 -3.03
C HIS E 143 -16.13 9.22 -3.04
N VAL E 144 -15.24 8.35 -3.51
CA VAL E 144 -15.52 6.92 -3.67
C VAL E 144 -14.39 6.13 -3.01
N TYR E 145 -14.69 4.94 -2.51
CA TYR E 145 -13.71 4.00 -1.97
C TYR E 145 -13.61 2.84 -2.96
N THR E 146 -12.53 2.80 -3.72
CA THR E 146 -12.32 1.75 -4.73
C THR E 146 -12.01 0.44 -4.03
N PRO E 147 -12.09 -0.70 -4.72
CA PRO E 147 -11.72 -1.97 -4.08
C PRO E 147 -10.29 -1.98 -3.55
N ASN E 148 -9.39 -1.23 -4.18
CA ASN E 148 -8.02 -1.09 -3.68
C ASN E 148 -7.94 -0.28 -2.38
N ASP E 149 -8.75 0.78 -2.26
CA ASP E 149 -8.80 1.57 -1.03
C ASP E 149 -9.23 0.66 0.13
N VAL E 150 -10.31 -0.08 -0.10
CA VAL E 150 -10.87 -1.01 0.88
C VAL E 150 -9.84 -2.03 1.32
N ARG E 151 -9.17 -2.65 0.37
CA ARG E 151 -8.10 -3.60 0.67
C ARG E 151 -6.98 -2.93 1.48
N MET E 152 -6.59 -1.74 1.06
CA MET E 152 -5.58 -0.97 1.77
C MET E 152 -5.95 -0.76 3.25
N VAL E 153 -7.18 -0.30 3.51
CA VAL E 153 -7.65 -0.08 4.89
C VAL E 153 -7.64 -1.39 5.68
N ILE E 154 -8.12 -2.45 5.05
CA ILE E 154 -8.18 -3.76 5.69
C ILE E 154 -6.80 -4.29 6.09
N GLU E 155 -5.82 -4.16 5.19
CA GLU E 155 -4.47 -4.63 5.44
C GLU E 155 -3.76 -3.77 6.50
N TYR E 156 -3.91 -2.46 6.38
CA TYR E 156 -3.33 -1.54 7.34
C TYR E 156 -3.83 -1.81 8.76
N ALA E 157 -5.13 -2.07 8.86
CA ALA E 157 -5.76 -2.42 10.13
C ALA E 157 -5.23 -3.75 10.62
N ARG E 158 -5.08 -4.71 9.71
CA ARG E 158 -4.62 -6.05 10.08
C ARG E 158 -3.23 -5.99 10.72
N LEU E 159 -2.33 -5.22 10.10
CA LEU E 159 -0.97 -5.04 10.60
C LEU E 159 -0.88 -4.40 12.01
N ARG E 160 -1.96 -3.77 12.46
CA ARG E 160 -2.07 -3.21 13.80
C ARG E 160 -3.02 -4.06 14.68
N GLY E 161 -3.38 -5.25 14.22
CA GLY E 161 -4.28 -6.13 14.95
C GLY E 161 -5.71 -5.62 15.04
N ILE E 162 -6.15 -4.84 14.04
CA ILE E 162 -7.48 -4.25 14.05
C ILE E 162 -8.36 -4.96 13.04
N ARG E 163 -9.59 -5.26 13.48
CA ARG E 163 -10.61 -5.87 12.65
C ARG E 163 -11.39 -4.80 11.95
N VAL E 164 -11.78 -5.04 10.71
CA VAL E 164 -12.60 -4.08 10.00
C VAL E 164 -14.01 -4.68 9.90
N LEU E 165 -14.93 -4.11 10.66
CA LEU E 165 -16.34 -4.52 10.68
C LEU E 165 -17.11 -3.57 9.79
N PRO E 166 -17.63 -4.03 8.67
CA PRO E 166 -18.40 -3.15 7.79
C PRO E 166 -19.87 -3.10 8.19
N GLU E 167 -20.47 -1.93 8.02
CA GLU E 167 -21.91 -1.80 8.19
C GLU E 167 -22.54 -1.32 6.90
N PHE E 168 -23.49 -2.09 6.42
CA PHE E 168 -24.33 -1.76 5.27
C PHE E 168 -25.73 -1.81 5.83
N ASP E 169 -26.11 -0.67 6.38
CA ASP E 169 -27.39 -0.49 7.06
C ASP E 169 -28.58 -0.53 6.11
N THR E 170 -29.58 -1.34 6.43
CA THR E 170 -30.86 -1.42 5.72
C THR E 170 -31.92 -1.81 6.77
N PRO E 171 -33.22 -1.67 6.52
CA PRO E 171 -33.83 -1.08 5.32
C PRO E 171 -33.84 0.44 5.29
N GLY E 172 -33.70 1.08 6.45
CA GLY E 172 -33.65 2.53 6.53
C GLY E 172 -32.22 2.97 6.35
N HIS E 173 -32.02 4.27 6.28
CA HIS E 173 -30.70 4.85 6.05
C HIS E 173 -30.12 4.45 4.67
N THR E 174 -31.01 4.18 3.70
CA THR E 174 -30.64 3.68 2.37
C THR E 174 -30.94 4.62 1.17
N LEU E 175 -31.21 5.89 1.42
CA LEU E 175 -31.57 6.79 0.30
C LEU E 175 -30.60 6.79 -0.89
N SER E 176 -29.31 6.88 -0.58
CA SER E 176 -28.25 6.84 -1.59
C SER E 176 -28.18 5.56 -2.43
N TRP E 177 -28.66 4.44 -1.88
CA TRP E 177 -28.66 3.16 -2.60
C TRP E 177 -29.66 3.20 -3.73
N GLY E 178 -30.73 3.99 -3.56
CA GLY E 178 -31.78 4.09 -4.55
C GLY E 178 -31.40 4.72 -5.87
N LYS E 179 -30.39 5.58 -5.89
CA LYS E 179 -30.00 6.22 -7.15
C LYS E 179 -29.49 5.20 -8.21
N GLY E 180 -28.81 4.15 -7.79
CA GLY E 180 -28.21 3.20 -8.70
C GLY E 180 -28.87 1.85 -8.88
N GLN E 181 -29.90 1.58 -8.06
CA GLN E 181 -30.63 0.32 -8.09
C GLN E 181 -32.13 0.67 -8.14
N LYS E 182 -32.72 0.49 -9.33
CA LYS E 182 -34.11 0.82 -9.58
C LYS E 182 -35.03 -0.13 -8.82
N ASP E 183 -36.17 0.42 -8.39
CA ASP E 183 -37.19 -0.33 -7.65
C ASP E 183 -36.72 -0.97 -6.33
N LEU E 184 -35.59 -0.51 -5.79
CA LEU E 184 -35.09 -1.02 -4.53
C LEU E 184 -35.83 -0.33 -3.40
N LEU E 185 -35.96 0.99 -3.50
CA LEU E 185 -36.59 1.77 -2.45
C LEU E 185 -38.09 1.87 -2.66
N THR E 186 -38.82 1.97 -1.55
CA THR E 186 -40.25 2.12 -1.57
C THR E 186 -40.62 3.54 -2.00
N PRO E 187 -41.45 3.70 -3.03
CA PRO E 187 -41.98 5.02 -3.37
C PRO E 187 -42.94 5.51 -2.29
N CYS E 188 -42.86 6.77 -1.91
CA CYS E 188 -43.74 7.35 -0.89
C CYS E 188 -44.73 8.22 -1.60
N TYR E 189 -45.89 8.41 -0.99
CA TYR E 189 -46.96 9.18 -1.58
C TYR E 189 -47.44 10.27 -0.64
N SER E 190 -47.68 11.43 -1.24
CA SER E 190 -48.16 12.60 -0.54
C SER E 190 -49.66 12.70 -0.77
N LEU F 1 -44.62 13.57 1.51
CA LEU F 1 -43.56 13.20 2.49
C LEU F 1 -42.20 13.35 1.80
N ASP F 2 -41.63 12.27 1.27
CA ASP F 2 -40.44 12.31 0.41
C ASP F 2 -40.79 11.54 -0.85
N SER F 3 -39.86 11.43 -1.78
CA SER F 3 -40.09 10.62 -2.97
C SER F 3 -39.95 9.14 -2.62
N PHE F 4 -38.92 8.80 -1.85
CA PHE F 4 -38.60 7.43 -1.46
C PHE F 4 -38.32 7.28 0.03
N GLY F 5 -38.64 6.08 0.54
CA GLY F 5 -38.40 5.70 1.92
C GLY F 5 -37.50 4.48 2.00
N PRO F 6 -37.71 3.59 2.96
CA PRO F 6 -36.85 2.40 3.10
C PRO F 6 -36.91 1.41 1.94
N ILE F 7 -36.01 0.44 1.99
CA ILE F 7 -36.00 -0.63 1.02
C ILE F 7 -37.36 -1.31 1.04
N ASN F 8 -37.93 -1.51 -0.13
CA ASN F 8 -39.19 -2.19 -0.34
C ASN F 8 -39.00 -3.68 0.03
N PRO F 9 -39.60 -4.14 1.13
CA PRO F 9 -39.40 -5.53 1.56
C PRO F 9 -40.37 -6.54 0.92
N THR F 10 -41.13 -6.12 -0.09
CA THR F 10 -42.14 -6.96 -0.70
C THR F 10 -41.76 -7.44 -2.09
N LEU F 11 -40.56 -7.11 -2.56
CA LEU F 11 -40.13 -7.44 -3.92
C LEU F 11 -39.03 -8.51 -3.94
N ASN F 12 -39.17 -9.49 -4.82
CA ASN F 12 -38.11 -10.49 -5.07
C ASN F 12 -36.82 -9.81 -5.51
N THR F 13 -36.92 -8.81 -6.37
CA THR F 13 -35.78 -8.01 -6.81
C THR F 13 -34.94 -7.46 -5.63
N THR F 14 -35.59 -7.06 -4.56
CA THR F 14 -34.91 -6.60 -3.35
C THR F 14 -34.00 -7.65 -2.70
N TYR F 15 -34.55 -8.83 -2.45
CA TYR F 15 -33.78 -9.91 -1.80
C TYR F 15 -32.78 -10.52 -2.76
N SER F 16 -33.13 -10.56 -4.04
CA SER F 16 -32.20 -11.04 -5.05
C SER F 16 -30.99 -10.11 -5.13
N PHE F 17 -31.23 -8.81 -5.08
CA PHE F 17 -30.17 -7.82 -5.05
C PHE F 17 -29.30 -7.98 -3.78
N LEU F 18 -29.94 -8.13 -2.63
CA LEU F 18 -29.20 -8.23 -1.36
C LEU F 18 -28.37 -9.51 -1.26
N THR F 19 -28.84 -10.61 -1.87
CA THR F 19 -28.12 -11.86 -1.83
C THR F 19 -26.80 -11.69 -2.57
N THR F 20 -26.91 -11.18 -3.78
CA THR F 20 -25.77 -10.86 -4.61
C THR F 20 -24.86 -9.85 -3.95
N PHE F 21 -25.43 -8.78 -3.41
CA PHE F 21 -24.66 -7.72 -2.78
C PHE F 21 -23.88 -8.22 -1.57
N PHE F 22 -24.55 -8.95 -0.68
CA PHE F 22 -23.87 -9.48 0.50
C PHE F 22 -22.89 -10.60 0.20
N LYS F 23 -23.06 -11.30 -0.91
CA LYS F 23 -22.06 -12.26 -1.35
C LYS F 23 -20.74 -11.52 -1.62
N GLU F 24 -20.78 -10.38 -2.33
CA GLU F 24 -19.59 -9.58 -2.57
C GLU F 24 -18.96 -9.08 -1.27
N ILE F 25 -19.77 -8.49 -0.40
CA ILE F 25 -19.29 -7.99 0.89
C ILE F 25 -18.61 -9.10 1.67
N SER F 26 -19.19 -10.31 1.64
CA SER F 26 -18.58 -11.45 2.33
C SER F 26 -17.20 -11.84 1.81
N GLU F 27 -16.91 -11.52 0.55
CA GLU F 27 -15.62 -11.81 -0.08
C GLU F 27 -14.62 -10.68 0.13
N VAL F 28 -15.11 -9.45 0.17
CA VAL F 28 -14.28 -8.26 0.31
C VAL F 28 -13.77 -8.06 1.73
N PHE F 29 -14.66 -8.21 2.71
CA PHE F 29 -14.32 -8.00 4.10
C PHE F 29 -14.04 -9.35 4.75
N PRO F 30 -12.78 -9.62 5.12
CA PRO F 30 -12.44 -10.88 5.78
C PRO F 30 -13.05 -11.14 7.14
N ASP F 31 -13.52 -10.13 7.86
CA ASP F 31 -14.02 -10.32 9.22
C ASP F 31 -15.24 -11.25 9.30
N GLN F 32 -15.32 -12.05 10.37
CA GLN F 32 -16.45 -12.95 10.63
C GLN F 32 -17.82 -12.28 10.58
N PHE F 33 -17.88 -11.03 11.00
CA PHE F 33 -19.14 -10.32 11.17
C PHE F 33 -19.44 -9.23 10.15
N ILE F 34 -20.73 -9.09 9.83
CA ILE F 34 -21.24 -8.00 9.01
C ILE F 34 -22.32 -7.35 9.87
N HIS F 35 -22.24 -6.03 10.00
CA HIS F 35 -23.23 -5.25 10.72
C HIS F 35 -24.31 -4.89 9.70
N LEU F 36 -25.53 -5.42 9.90
CA LEU F 36 -26.68 -5.17 8.99
C LEU F 36 -27.50 -3.94 9.30
N GLY F 37 -27.18 -3.28 10.38
CA GLY F 37 -27.88 -2.07 10.76
C GLY F 37 -29.23 -2.37 11.41
N GLY F 38 -30.31 -1.94 10.73
CA GLY F 38 -31.66 -2.13 11.23
C GLY F 38 -32.23 -1.00 12.08
N ASP F 39 -31.54 0.14 12.15
CA ASP F 39 -31.93 1.25 13.05
C ASP F 39 -32.83 2.31 12.43
N GLU F 40 -33.64 2.94 13.30
CA GLU F 40 -34.50 4.08 12.97
C GLU F 40 -35.30 3.91 11.67
N VAL F 41 -35.96 2.78 11.49
CA VAL F 41 -36.74 2.61 10.27
C VAL F 41 -38.04 3.40 10.40
N GLU F 42 -38.24 4.35 9.49
CA GLU F 42 -39.47 5.15 9.44
C GLU F 42 -40.53 4.37 8.66
N PHE F 43 -41.77 4.46 9.11
CA PHE F 43 -42.90 3.70 8.55
C PHE F 43 -43.90 4.52 7.73
N LYS F 44 -43.86 5.86 7.84
CA LYS F 44 -44.76 6.72 7.09
C LYS F 44 -44.80 6.45 5.59
N CYS F 45 -43.65 6.13 5.02
CA CYS F 45 -43.55 5.80 3.60
C CYS F 45 -44.28 4.52 3.28
N TRP F 46 -44.04 3.50 4.10
CA TRP F 46 -44.72 2.23 3.97
C TRP F 46 -46.22 2.37 4.17
N GLU F 47 -46.62 3.17 5.15
CA GLU F 47 -48.03 3.42 5.38
C GLU F 47 -48.69 4.07 4.17
N SER F 48 -47.97 5.00 3.52
CA SER F 48 -48.51 5.76 2.39
C SER F 48 -48.67 4.96 1.09
N ASN F 49 -47.95 3.85 0.98
CA ASN F 49 -47.89 3.10 -0.25
C ASN F 49 -48.98 2.03 -0.31
N PRO F 50 -49.84 2.07 -1.34
CA PRO F 50 -50.92 1.09 -1.52
C PRO F 50 -50.45 -0.35 -1.75
N LYS F 51 -49.35 -0.56 -2.47
CA LYS F 51 -48.82 -1.91 -2.69
C LYS F 51 -48.30 -2.52 -1.41
N ILE F 52 -47.79 -1.68 -0.51
CA ILE F 52 -47.35 -2.17 0.79
C ILE F 52 -48.56 -2.45 1.66
N GLN F 53 -49.57 -1.58 1.62
CA GLN F 53 -50.82 -1.85 2.32
C GLN F 53 -51.34 -3.22 1.88
N ASP F 54 -51.30 -3.48 0.57
CA ASP F 54 -51.69 -4.77 0.01
C ASP F 54 -50.86 -5.95 0.51
N PHE F 55 -49.56 -5.73 0.72
CA PHE F 55 -48.69 -6.76 1.28
C PHE F 55 -49.00 -7.04 2.74
N MET F 56 -49.24 -5.97 3.50
CA MET F 56 -49.62 -6.07 4.90
C MET F 56 -50.90 -6.89 5.05
N ARG F 57 -51.86 -6.63 4.17
CA ARG F 57 -53.12 -7.37 4.07
C ARG F 57 -52.86 -8.86 3.86
N GLN F 58 -52.05 -9.20 2.87
CA GLN F 58 -51.71 -10.58 2.55
C GLN F 58 -51.04 -11.34 3.67
N LYS F 59 -50.09 -10.69 4.33
CA LYS F 59 -49.30 -11.30 5.39
C LYS F 59 -49.95 -11.30 6.78
N GLY F 60 -51.02 -10.54 6.97
CA GLY F 60 -51.72 -10.49 8.25
C GLY F 60 -51.12 -9.59 9.30
N PHE F 61 -50.28 -8.65 8.89
CA PHE F 61 -49.57 -7.77 9.81
C PHE F 61 -50.39 -6.57 10.34
N GLY F 62 -51.65 -6.44 9.93
CA GLY F 62 -52.50 -5.34 10.37
C GLY F 62 -51.89 -4.00 9.98
N THR F 63 -51.62 -3.17 10.99
CA THR F 63 -50.91 -1.89 10.81
C THR F 63 -49.59 -1.90 11.58
N ASP F 64 -49.15 -3.08 12.00
CA ASP F 64 -47.93 -3.23 12.77
C ASP F 64 -46.75 -3.34 11.81
N PHE F 65 -46.15 -2.21 11.47
CA PHE F 65 -45.01 -2.19 10.56
C PHE F 65 -43.74 -2.80 11.14
N LYS F 66 -43.66 -2.96 12.46
CA LYS F 66 -42.58 -3.71 13.08
C LYS F 66 -42.55 -5.16 12.58
N LYS F 67 -43.72 -5.73 12.26
CA LYS F 67 -43.80 -7.07 11.70
C LYS F 67 -43.24 -7.13 10.29
N LEU F 68 -43.42 -6.05 9.52
CA LEU F 68 -42.88 -5.97 8.17
C LEU F 68 -41.36 -5.78 8.23
N GLU F 69 -40.92 -4.93 9.15
CA GLU F 69 -39.51 -4.74 9.44
C GLU F 69 -38.84 -6.05 9.87
N SER F 70 -39.49 -6.81 10.76
CA SER F 70 -38.95 -8.10 11.21
C SER F 70 -38.85 -9.08 10.05
N PHE F 71 -39.91 -9.13 9.26
CA PHE F 71 -39.95 -9.94 8.05
C PHE F 71 -38.75 -9.67 7.16
N TYR F 72 -38.50 -8.39 6.88
CA TYR F 72 -37.39 -7.98 6.03
C TYR F 72 -36.05 -8.41 6.58
N ILE F 73 -35.75 -8.02 7.80
CA ILE F 73 -34.44 -8.30 8.35
C ILE F 73 -34.17 -9.77 8.62
N GLN F 74 -35.22 -10.53 8.90
CA GLN F 74 -35.08 -11.98 9.06
C GLN F 74 -34.57 -12.59 7.76
N LYS F 75 -35.09 -12.13 6.62
CA LYS F 75 -34.61 -12.58 5.31
C LYS F 75 -33.13 -12.23 5.04
N VAL F 76 -32.69 -11.06 5.54
CA VAL F 76 -31.30 -10.61 5.38
C VAL F 76 -30.39 -11.41 6.32
N LEU F 77 -30.82 -11.62 7.57
CA LEU F 77 -30.06 -12.43 8.51
C LEU F 77 -29.78 -13.85 7.99
N ASP F 78 -30.78 -14.45 7.34
CA ASP F 78 -30.62 -15.78 6.76
C ASP F 78 -29.69 -15.78 5.54
N ILE F 79 -29.69 -14.67 4.79
CA ILE F 79 -28.79 -14.52 3.64
C ILE F 79 -27.34 -14.54 4.14
N ILE F 80 -27.08 -13.81 5.21
CA ILE F 80 -25.76 -13.79 5.84
C ILE F 80 -25.39 -15.17 6.37
N ALA F 81 -26.33 -15.84 7.00
CA ALA F 81 -26.10 -17.18 7.52
C ALA F 81 -25.82 -18.20 6.40
N THR F 82 -26.40 -18.00 5.22
CA THR F 82 -26.19 -18.88 4.08
C THR F 82 -24.75 -18.79 3.58
N ILE F 83 -24.22 -17.57 3.56
CA ILE F 83 -22.82 -17.32 3.16
C ILE F 83 -21.80 -17.49 4.31
N ASN F 84 -22.23 -18.08 5.43
CA ASN F 84 -21.38 -18.43 6.58
C ASN F 84 -20.73 -17.30 7.40
N LYS F 85 -21.37 -16.13 7.43
CA LYS F 85 -20.90 -15.00 8.23
C LYS F 85 -21.84 -14.83 9.41
N GLY F 86 -21.39 -14.11 10.42
CA GLY F 86 -22.20 -13.78 11.58
C GLY F 86 -22.74 -12.37 11.42
N SER F 87 -23.83 -12.07 12.13
CA SER F 87 -24.50 -10.78 12.01
C SER F 87 -24.41 -9.95 13.27
N ILE F 88 -24.32 -8.63 13.10
CA ILE F 88 -24.42 -7.67 14.19
C ILE F 88 -25.56 -6.74 13.77
N VAL F 89 -26.33 -6.30 14.76
CA VAL F 89 -27.58 -5.62 14.51
C VAL F 89 -27.78 -4.53 15.56
N TRP F 90 -28.38 -3.40 15.17
CA TRP F 90 -28.71 -2.34 16.13
C TRP F 90 -29.90 -2.85 16.96
N GLN F 91 -30.05 -2.37 18.19
CA GLN F 91 -31.05 -2.91 19.14
C GLN F 91 -32.52 -2.97 18.68
N GLU F 92 -32.94 -2.07 17.79
CA GLU F 92 -34.33 -2.06 17.33
C GLU F 92 -34.77 -3.37 16.69
N VAL F 93 -33.85 -4.07 16.06
CA VAL F 93 -34.12 -5.38 15.47
C VAL F 93 -34.52 -6.36 16.58
N PHE F 94 -33.92 -6.20 17.76
CA PHE F 94 -34.28 -6.98 18.93
C PHE F 94 -35.56 -6.45 19.58
N ASP F 95 -35.66 -5.12 19.72
CA ASP F 95 -36.79 -4.46 20.38
C ASP F 95 -38.11 -4.65 19.65
N ASP F 96 -38.09 -4.39 18.34
CA ASP F 96 -39.24 -4.61 17.46
C ASP F 96 -39.52 -6.12 17.21
N LYS F 97 -38.89 -7.00 17.98
CA LYS F 97 -39.24 -8.42 18.06
C LYS F 97 -38.96 -9.27 16.83
N ALA F 98 -37.84 -9.04 16.16
CA ALA F 98 -37.43 -9.93 15.08
C ALA F 98 -36.94 -11.23 15.73
N LYS F 99 -37.12 -12.34 15.01
CA LYS F 99 -36.63 -13.64 15.45
C LYS F 99 -35.17 -13.71 15.03
N LEU F 100 -34.25 -13.81 15.99
CA LEU F 100 -32.80 -13.86 15.73
C LEU F 100 -32.23 -15.23 15.97
N ALA F 101 -31.24 -15.60 15.17
CA ALA F 101 -30.58 -16.90 15.29
C ALA F 101 -29.60 -16.79 16.43
N PRO F 102 -29.43 -17.86 17.21
CA PRO F 102 -28.38 -17.87 18.24
C PRO F 102 -27.02 -17.48 17.65
N GLY F 103 -26.36 -16.47 18.21
CA GLY F 103 -25.08 -15.97 17.72
C GLY F 103 -25.09 -14.54 17.19
N THR F 104 -26.27 -13.99 16.90
CA THR F 104 -26.38 -12.62 16.46
C THR F 104 -25.96 -11.67 17.58
N ILE F 105 -25.09 -10.73 17.27
CA ILE F 105 -24.67 -9.75 18.26
C ILE F 105 -25.61 -8.58 18.14
N VAL F 106 -26.04 -8.06 19.28
CA VAL F 106 -26.93 -6.92 19.34
C VAL F 106 -26.11 -5.74 19.83
N GLU F 107 -26.14 -4.63 19.12
CA GLU F 107 -25.43 -3.43 19.55
C GLU F 107 -26.41 -2.44 20.18
N VAL F 108 -26.20 -2.20 21.47
CA VAL F 108 -27.09 -1.34 22.25
C VAL F 108 -26.59 0.09 22.20
N TRP F 109 -27.39 0.94 21.57
CA TRP F 109 -27.04 2.34 21.36
C TRP F 109 -28.02 3.37 21.93
N LYS F 110 -29.25 3.00 22.24
CA LYS F 110 -30.23 3.95 22.77
C LYS F 110 -29.93 4.27 24.21
N ASP F 111 -29.84 5.55 24.51
CA ASP F 111 -29.44 6.02 25.83
C ASP F 111 -30.48 5.78 26.92
N SER F 112 -31.74 5.60 26.54
CA SER F 112 -32.79 5.34 27.52
C SER F 112 -32.75 3.92 28.04
N ALA F 113 -32.54 3.80 29.35
CA ALA F 113 -32.52 2.52 30.07
C ALA F 113 -31.65 1.49 29.38
N TYR F 114 -30.42 1.87 29.03
CA TYR F 114 -29.51 0.95 28.35
C TYR F 114 -29.11 -0.26 29.21
N PRO F 115 -28.92 -0.09 30.52
CA PRO F 115 -28.68 -1.28 31.38
C PRO F 115 -29.81 -2.31 31.30
N GLU F 116 -31.05 -1.83 31.30
CA GLU F 116 -32.22 -2.70 31.16
C GLU F 116 -32.20 -3.40 29.80
N GLU F 117 -31.76 -2.70 28.74
CA GLU F 117 -31.56 -3.32 27.43
C GLU F 117 -30.49 -4.39 27.50
N LEU F 118 -29.38 -4.09 28.17
CA LEU F 118 -28.30 -5.06 28.30
C LEU F 118 -28.81 -6.31 29.02
N SER F 119 -29.63 -6.12 30.06
CA SER F 119 -30.21 -7.26 30.78
C SER F 119 -31.08 -8.10 29.87
N ARG F 120 -32.03 -7.45 29.21
CA ARG F 120 -32.95 -8.11 28.28
C ARG F 120 -32.27 -8.89 27.18
N VAL F 121 -31.28 -8.26 26.56
CA VAL F 121 -30.59 -8.87 25.44
C VAL F 121 -29.83 -10.11 25.90
N THR F 122 -29.14 -10.00 27.04
CA THR F 122 -28.38 -11.13 27.58
C THR F 122 -29.32 -12.20 28.15
N ALA F 123 -30.45 -11.78 28.73
CA ALA F 123 -31.46 -12.75 29.19
C ALA F 123 -31.89 -13.68 28.04
N SER F 124 -32.02 -13.13 26.82
CA SER F 124 -32.39 -13.93 25.64
C SER F 124 -31.24 -14.75 25.00
N GLY F 125 -30.06 -14.77 25.63
CA GLY F 125 -28.92 -15.54 25.16
C GLY F 125 -28.05 -14.95 24.04
N PHE F 126 -28.18 -13.65 23.77
CA PHE F 126 -27.44 -13.01 22.68
C PHE F 126 -26.24 -12.20 23.19
N PRO F 127 -25.09 -12.29 22.51
CA PRO F 127 -23.96 -11.44 22.87
C PRO F 127 -24.26 -9.97 22.65
N VAL F 128 -23.75 -9.11 23.51
CA VAL F 128 -24.05 -7.69 23.45
C VAL F 128 -22.80 -6.78 23.42
N ILE F 129 -22.92 -5.70 22.66
CA ILE F 129 -21.91 -4.64 22.47
C ILE F 129 -22.58 -3.33 22.86
N LEU F 130 -21.97 -2.55 23.76
CA LEU F 130 -22.54 -1.29 24.21
C LEU F 130 -21.91 -0.09 23.53
N SER F 131 -22.76 0.78 23.01
CA SER F 131 -22.30 2.07 22.48
C SER F 131 -23.07 3.26 23.04
N ALA F 132 -24.19 3.05 23.76
CA ALA F 132 -25.09 4.12 24.21
C ALA F 132 -24.49 5.32 24.96
N PRO F 133 -23.60 5.11 25.93
CA PRO F 133 -23.04 6.24 26.67
C PRO F 133 -21.81 6.81 25.98
N TRP F 134 -21.40 6.28 24.83
CA TRP F 134 -20.17 6.69 24.18
C TRP F 134 -20.42 7.22 22.79
N TYR F 135 -21.30 8.21 22.74
CA TYR F 135 -21.63 8.91 21.51
C TYR F 135 -20.75 10.14 21.43
N LEU F 136 -19.57 9.95 20.86
CA LEU F 136 -18.59 11.01 20.75
C LEU F 136 -18.98 12.11 19.74
N ASP F 137 -20.00 11.89 18.94
CA ASP F 137 -20.51 13.01 18.11
C ASP F 137 -21.29 14.01 18.96
N LEU F 138 -21.85 13.59 20.10
CA LEU F 138 -22.58 14.51 21.00
C LEU F 138 -21.60 15.24 21.90
N ILE F 139 -21.02 16.29 21.34
CA ILE F 139 -20.05 17.14 22.02
C ILE F 139 -20.74 18.04 23.06
N SER F 140 -19.97 18.46 24.05
CA SER F 140 -20.44 19.37 25.08
C SER F 140 -19.21 20.09 25.65
N TYR F 141 -19.46 21.09 26.47
CA TYR F 141 -18.39 21.86 27.06
C TYR F 141 -17.66 21.11 28.20
N GLY F 142 -16.36 21.31 28.29
CA GLY F 142 -15.59 20.79 29.41
C GLY F 142 -15.01 19.42 29.22
N GLN F 143 -14.65 18.81 30.34
CA GLN F 143 -13.98 17.51 30.37
C GLN F 143 -14.95 16.33 30.34
N ASP F 144 -15.61 16.17 29.19
CA ASP F 144 -16.57 15.07 28.97
C ASP F 144 -15.91 13.68 28.88
N TRP F 145 -14.58 13.65 28.77
CA TRP F 145 -13.83 12.40 28.78
C TRP F 145 -14.09 11.65 30.08
N ARG F 146 -14.29 12.41 31.16
CA ARG F 146 -14.60 11.86 32.47
C ARG F 146 -15.89 11.07 32.51
N LYS F 147 -16.94 11.60 31.87
CA LYS F 147 -18.24 10.89 31.88
C LYS F 147 -18.11 9.57 31.12
N TYR F 148 -17.40 9.58 29.99
CA TYR F 148 -17.13 8.33 29.26
C TYR F 148 -16.29 7.34 30.07
N TYR F 149 -15.30 7.85 30.80
CA TYR F 149 -14.42 7.04 31.64
C TYR F 149 -15.16 6.42 32.85
N LYS F 150 -16.10 7.17 33.43
CA LYS F 150 -16.88 6.72 34.58
C LYS F 150 -17.92 5.64 34.30
N VAL F 151 -18.21 5.35 33.04
CA VAL F 151 -19.12 4.26 32.73
C VAL F 151 -18.51 2.95 33.22
N GLU F 152 -19.31 2.14 33.91
CA GLU F 152 -18.96 0.78 34.26
C GLU F 152 -19.99 -0.06 33.46
N PRO F 153 -19.58 -0.67 32.35
CA PRO F 153 -20.50 -1.39 31.47
C PRO F 153 -21.20 -2.59 32.06
N LEU F 154 -20.65 -3.26 33.07
CA LEU F 154 -21.32 -4.41 33.66
C LEU F 154 -22.29 -4.07 34.79
N ASP F 155 -22.52 -2.79 35.06
CA ASP F 155 -23.53 -2.38 36.03
C ASP F 155 -24.92 -2.43 35.40
N PHE F 156 -25.40 -3.66 35.19
CA PHE F 156 -26.75 -3.94 34.74
C PHE F 156 -27.17 -5.24 35.42
N GLY F 157 -28.47 -5.50 35.45
CA GLY F 157 -28.99 -6.68 36.13
C GLY F 157 -28.75 -7.98 35.38
N GLY F 158 -28.23 -8.98 36.07
CA GLY F 158 -28.03 -10.28 35.45
C GLY F 158 -27.07 -11.21 36.17
N THR F 159 -27.14 -12.48 35.79
CA THR F 159 -26.30 -13.53 36.35
C THR F 159 -24.89 -13.45 35.75
N GLN F 160 -24.02 -14.38 36.13
CA GLN F 160 -22.67 -14.44 35.57
C GLN F 160 -22.67 -14.81 34.08
N LYS F 161 -23.45 -15.82 33.70
CA LYS F 161 -23.56 -16.24 32.28
C LYS F 161 -24.11 -15.13 31.36
N GLN F 162 -25.01 -14.31 31.91
CA GLN F 162 -25.52 -13.14 31.19
C GLN F 162 -24.41 -12.13 30.94
N LYS F 163 -23.62 -11.86 31.98
CA LYS F 163 -22.55 -10.88 31.87
C LYS F 163 -21.39 -11.35 30.99
N GLN F 164 -21.16 -12.66 30.92
CA GLN F 164 -20.18 -13.23 30.00
C GLN F 164 -20.55 -12.96 28.54
N LEU F 165 -21.84 -12.76 28.25
CA LEU F 165 -22.30 -12.39 26.93
C LEU F 165 -22.02 -10.90 26.58
N PHE F 166 -21.62 -10.08 27.54
CA PHE F 166 -21.20 -8.71 27.25
C PHE F 166 -19.78 -8.83 26.74
N ILE F 167 -19.59 -8.58 25.45
CA ILE F 167 -18.29 -8.82 24.82
C ILE F 167 -17.49 -7.55 24.54
N GLY F 168 -18.09 -6.38 24.78
CA GLY F 168 -17.38 -5.14 24.61
C GLY F 168 -18.22 -3.91 24.30
N GLY F 169 -17.57 -2.94 23.66
CA GLY F 169 -18.23 -1.70 23.32
C GLY F 169 -17.57 -0.95 22.20
N GLU F 170 -18.21 0.15 21.82
CA GLU F 170 -17.72 1.02 20.76
C GLU F 170 -17.91 2.49 21.12
N ALA F 171 -16.93 3.32 20.76
CA ALA F 171 -17.04 4.76 20.84
C ALA F 171 -17.49 5.16 19.43
N CYS F 172 -18.57 5.93 19.32
CA CYS F 172 -19.17 6.23 18.02
C CYS F 172 -19.03 7.69 17.66
N LEU F 173 -18.55 7.94 16.44
CA LEU F 173 -18.39 9.28 15.94
C LEU F 173 -19.14 9.41 14.61
N TRP F 174 -20.43 9.66 14.73
CA TRP F 174 -21.27 9.85 13.56
C TRP F 174 -20.88 11.14 12.86
N GLY F 175 -21.09 11.13 11.55
CA GLY F 175 -20.52 12.11 10.65
C GLY F 175 -21.29 13.33 10.23
N GLU F 176 -22.51 13.55 10.74
CA GLU F 176 -23.29 14.73 10.36
C GLU F 176 -22.50 16.03 10.49
N TYR F 177 -21.74 16.20 11.58
CA TYR F 177 -20.95 17.41 11.82
C TYR F 177 -19.43 17.22 11.76
N VAL F 178 -18.99 16.07 11.22
CA VAL F 178 -17.59 15.65 11.22
C VAL F 178 -17.03 15.34 9.83
N ASP F 179 -15.89 15.94 9.52
CA ASP F 179 -15.14 15.57 8.33
C ASP F 179 -13.63 15.66 8.62
N ALA F 180 -12.79 15.57 7.60
CA ALA F 180 -11.32 15.62 7.78
C ALA F 180 -10.79 16.86 8.50
N THR F 181 -11.52 17.97 8.45
CA THR F 181 -11.11 19.19 9.14
C THR F 181 -11.23 19.08 10.66
N ASN F 182 -12.16 18.27 11.16
CA ASN F 182 -12.36 18.15 12.61
C ASN F 182 -12.41 16.75 13.19
N LEU F 183 -12.30 15.70 12.38
CA LEU F 183 -12.39 14.34 12.90
C LEU F 183 -11.43 14.05 14.04
N THR F 184 -10.13 14.21 13.79
CA THR F 184 -9.12 13.80 14.76
C THR F 184 -9.14 14.48 16.12
N PRO F 185 -9.23 15.81 16.19
CA PRO F 185 -9.39 16.49 17.49
C PRO F 185 -10.65 16.04 18.23
N ARG F 186 -11.76 15.87 17.53
CA ARG F 186 -12.99 15.45 18.19
C ARG F 186 -12.91 14.04 18.76
N LEU F 187 -12.28 13.12 18.03
CA LEU F 187 -12.16 11.71 18.44
C LEU F 187 -11.18 11.48 19.59
N TRP F 188 -9.98 12.07 19.50
CA TRP F 188 -8.93 11.85 20.50
C TRP F 188 -8.60 13.11 21.30
N PRO F 189 -8.37 13.05 22.61
CA PRO F 189 -8.35 11.85 23.44
C PRO F 189 -9.68 11.41 24.06
N ARG F 190 -10.83 11.87 23.61
CA ARG F 190 -12.08 11.44 24.23
C ARG F 190 -12.30 9.94 24.12
N ALA F 191 -12.00 9.36 22.95
CA ALA F 191 -12.12 7.92 22.79
C ALA F 191 -11.10 7.14 23.64
N SER F 192 -9.97 7.75 24.01
CA SER F 192 -9.01 7.07 24.89
C SER F 192 -9.61 6.70 26.24
N ALA F 193 -10.54 7.52 26.74
CA ALA F 193 -11.28 7.22 27.97
C ALA F 193 -12.05 5.91 27.85
N VAL F 194 -12.63 5.69 26.69
CA VAL F 194 -13.41 4.49 26.42
C VAL F 194 -12.47 3.33 26.23
N GLY F 195 -11.36 3.57 25.51
CA GLY F 195 -10.35 2.55 25.29
C GLY F 195 -9.78 1.99 26.58
N GLU F 196 -9.52 2.87 27.56
CA GLU F 196 -9.04 2.40 28.87
C GLU F 196 -10.11 1.60 29.60
N ARG F 197 -11.35 2.08 29.59
CA ARG F 197 -12.47 1.38 30.24
C ARG F 197 -12.71 0.02 29.61
N LEU F 198 -12.45 -0.11 28.31
CA LEU F 198 -12.64 -1.38 27.65
C LEU F 198 -11.47 -2.35 27.79
N TRP F 199 -10.24 -1.84 27.90
CA TRP F 199 -9.05 -2.68 28.07
C TRP F 199 -8.76 -3.02 29.54
N SER F 200 -8.71 -2.00 30.38
CA SER F 200 -8.26 -2.15 31.76
C SER F 200 -9.27 -2.79 32.72
N SER F 201 -8.77 -3.13 33.90
CA SER F 201 -9.57 -3.71 34.96
C SER F 201 -10.70 -2.81 35.44
N LYS F 202 -11.75 -3.46 35.93
CA LYS F 202 -12.94 -2.83 36.50
C LYS F 202 -12.64 -1.76 37.54
N ASP F 203 -11.65 -2.02 38.38
CA ASP F 203 -11.33 -1.15 39.50
C ASP F 203 -10.39 0.02 39.17
N VAL F 204 -9.89 0.09 37.93
CA VAL F 204 -9.04 1.20 37.52
C VAL F 204 -9.95 2.39 37.29
N ARG F 205 -10.03 3.27 38.27
CA ARG F 205 -10.88 4.46 38.15
C ARG F 205 -10.56 5.72 38.96
N ASP F 206 -9.36 5.84 39.51
CA ASP F 206 -8.98 7.09 40.16
C ASP F 206 -8.85 8.16 39.06
N MET F 207 -9.64 9.21 39.21
CA MET F 207 -9.72 10.28 38.23
C MET F 207 -8.46 11.13 38.12
N ASP F 208 -7.86 11.49 39.25
CA ASP F 208 -6.62 12.24 39.26
C ASP F 208 -5.53 11.46 38.53
N ASP F 209 -5.45 10.16 38.77
CA ASP F 209 -4.47 9.31 38.07
C ASP F 209 -4.79 9.18 36.58
N ALA F 210 -6.08 9.15 36.22
CA ALA F 210 -6.49 9.09 34.82
C ALA F 210 -6.08 10.39 34.10
N TYR F 211 -6.34 11.52 34.75
CA TYR F 211 -5.97 12.82 34.21
C TYR F 211 -4.47 12.92 33.93
N ASP F 212 -3.67 12.50 34.91
CA ASP F 212 -2.22 12.55 34.81
C ASP F 212 -1.68 11.71 33.64
N ARG F 213 -2.08 10.45 33.60
CA ARG F 213 -1.67 9.56 32.52
C ARG F 213 -2.21 9.98 31.15
N LEU F 214 -3.47 10.46 31.10
CA LEU F 214 -4.09 10.85 29.82
C LEU F 214 -3.54 12.15 29.22
N THR F 215 -3.26 13.18 30.03
CA THR F 215 -2.66 14.43 29.50
C THR F 215 -1.32 14.12 28.83
N ARG F 216 -0.60 13.16 29.40
CA ARG F 216 0.68 12.71 28.87
C ARG F 216 0.45 11.81 27.67
N HIS F 217 -0.49 10.89 27.78
CA HIS F 217 -0.85 10.03 26.65
C HIS F 217 -1.28 10.89 25.46
N ARG F 218 -2.03 11.96 25.74
CA ARG F 218 -2.44 12.90 24.72
C ARG F 218 -1.23 13.57 24.06
N CYS F 219 -0.28 14.05 24.85
CA CYS F 219 0.94 14.68 24.30
C CYS F 219 1.70 13.73 23.39
N ARG F 220 1.79 12.46 23.80
CA ARG F 220 2.43 11.42 23.02
C ARG F 220 1.70 11.24 21.67
N MET F 221 0.37 11.28 21.68
CA MET F 221 -0.40 11.26 20.43
C MET F 221 -0.04 12.44 19.49
N VAL F 222 0.16 13.64 20.05
CA VAL F 222 0.56 14.81 19.28
C VAL F 222 1.95 14.58 18.66
N GLU F 223 2.90 14.11 19.46
CA GLU F 223 4.26 13.81 18.98
C GLU F 223 4.28 12.85 17.80
N ARG F 224 3.37 11.88 17.81
CA ARG F 224 3.25 10.89 16.74
C ARG F 224 2.37 11.30 15.56
N GLY F 225 1.99 12.58 15.45
CA GLY F 225 1.20 13.05 14.34
C GLY F 225 -0.32 12.93 14.49
N ILE F 226 -0.84 12.61 15.69
CA ILE F 226 -2.28 12.59 15.91
C ILE F 226 -2.61 13.90 16.61
N ALA F 227 -3.42 14.74 16.00
CA ALA F 227 -3.75 16.02 16.56
C ALA F 227 -4.85 15.88 17.62
N ALA F 228 -4.53 15.20 18.73
CA ALA F 228 -5.48 15.00 19.82
C ALA F 228 -5.61 16.33 20.57
N GLN F 229 -6.86 16.70 20.91
CA GLN F 229 -7.13 18.00 21.55
C GLN F 229 -6.75 18.05 23.05
N PRO F 230 -6.65 19.25 23.64
CA PRO F 230 -6.29 19.31 25.06
C PRO F 230 -7.36 18.75 25.97
N LEU F 231 -6.95 18.41 27.19
CA LEU F 231 -7.86 17.98 28.23
C LEU F 231 -8.32 19.18 29.04
N TYR F 232 -7.39 20.11 29.29
CA TYR F 232 -7.63 21.35 30.03
C TYR F 232 -6.40 22.21 29.70
N ALA F 233 -6.22 23.35 30.38
CA ALA F 233 -5.05 24.19 30.20
C ALA F 233 -3.73 23.47 30.50
N GLY F 234 -2.67 23.88 29.81
CA GLY F 234 -1.37 23.25 29.96
C GLY F 234 -0.56 23.35 28.70
N TYR F 235 0.37 22.43 28.51
CA TYR F 235 1.22 22.43 27.33
C TYR F 235 1.93 21.08 27.26
N CYS F 236 2.60 20.80 26.14
CA CYS F 236 3.33 19.54 25.96
C CYS F 236 4.84 19.77 25.89
N ASN F 237 5.61 18.69 25.97
CA ASN F 237 7.08 18.71 25.94
C ASN F 237 7.67 19.23 27.26
C1 NAG G . -6.57 22.57 -32.31
C2 NAG G . -5.49 22.73 -33.36
C3 NAG G . -5.01 24.17 -33.38
C4 NAG G . -6.20 25.06 -33.63
C5 NAG G . -7.25 24.82 -32.55
C6 NAG G . -8.47 25.72 -32.72
C7 NAG G . -3.75 21.16 -34.07
C8 NAG G . -2.30 20.83 -33.86
N2 NAG G . -4.39 21.82 -33.11
O3 NAG G . -4.06 24.33 -34.41
O4 NAG G . -5.82 26.40 -33.61
O5 NAG G . -7.62 23.46 -32.59
O6 NAG G . -9.03 25.57 -34.00
O7 NAG G . -4.27 20.80 -35.12
C1 NAG G . -6.07 27.37 -34.49
C2 NAG G . -5.35 28.67 -34.28
C3 NAG G . -5.87 29.75 -35.24
C4 NAG G . -5.96 29.22 -36.68
C5 NAG G . -6.60 27.81 -36.72
C6 NAG G . -6.55 27.22 -38.13
C7 NAG G . -6.72 29.59 -32.40
C8 NAG G . -6.66 30.51 -31.21
N2 NAG G . -5.52 29.14 -32.87
O3 NAG G . -5.02 30.88 -35.20
O4 NAG G . -6.71 30.10 -37.47
O5 NAG G . -5.92 26.95 -35.82
O6 NAG G . -5.51 26.27 -38.21
O7 NAG G . -7.80 29.27 -32.89
C1 NAG H . 11.69 4.88 37.60
C2 NAG H . 10.58 5.16 38.59
C3 NAG H . 10.68 6.56 39.20
C4 NAG H . 12.08 6.77 39.71
C5 NAG H . 13.15 6.35 38.71
C6 NAG H . 14.57 6.48 39.27
C7 NAG H . 8.25 4.44 38.55
C8 NAG H . 6.90 4.75 37.97
N2 NAG H . 9.31 4.96 37.93
O3 NAG H . 9.80 6.66 40.30
O4 NAG H . 12.23 8.13 40.07
O5 NAG H . 12.94 5.03 38.26
O6 NAG H . 14.75 5.92 40.55
O7 NAG H . 8.33 3.75 39.56
C1 NAG H . 12.43 8.45 41.34
C2 NAG H . 12.39 9.92 41.76
C3 NAG H . 13.23 10.15 43.03
C4 NAG H . 12.93 9.09 44.09
C5 NAG H . 12.91 7.69 43.48
C6 NAG H . 12.51 6.64 44.53
C7 NAG H . 14.20 10.71 40.21
C8 NAG H . 14.65 11.79 39.25
N2 NAG H . 12.90 10.78 40.64
O3 NAG H . 12.97 11.43 43.54
O4 NAG H . 13.90 9.15 45.12
O5 NAG H . 12.00 7.65 42.41
O6 NAG H . 11.15 6.80 44.86
O7 NAG H . 14.97 9.82 40.55
C1 NGT I . 30.09 2.19 -13.79
C2 NGT I . 30.08 1.13 -12.65
C3 NGT I . 29.24 1.62 -11.39
C4 NGT I . 29.39 3.10 -11.12
C5 NGT I . 29.12 3.90 -12.37
C6 NGT I . 29.21 5.41 -12.18
C7 NGT I . 28.71 0.14 -14.17
C8 NGT I . 27.96 -0.90 -14.93
N2 NGT I . 29.48 -0.06 -13.19
S1 NGT I . 28.59 1.81 -14.76
O3 NGT I . 29.59 0.86 -10.25
O4 NGT I . 28.51 3.48 -10.09
O5 NGT I . 30.05 3.54 -13.41
O6 NGT I . 29.13 6.08 -13.43
C1 GOL J . -3.42 -1.91 -30.94
O1 GOL J . -3.87 -2.61 -29.81
C2 GOL J . -4.56 -1.68 -31.92
O2 GOL J . -4.19 -0.60 -32.74
C3 GOL J . -5.87 -1.39 -31.19
O3 GOL J . -6.41 -2.59 -30.68
C1 GOL K . 17.96 19.23 -18.05
O1 GOL K . 16.93 20.06 -17.62
C2 GOL K . 18.82 19.87 -19.13
O2 GOL K . 19.89 19.04 -19.52
C3 GOL K . 19.39 21.24 -18.75
O3 GOL K . 19.09 22.09 -19.82
S SO4 L . -54.51 -12.75 -2.30
O1 SO4 L . -55.64 -12.39 -3.14
O2 SO4 L . -53.97 -14.06 -2.64
O3 SO4 L . -54.87 -12.84 -0.91
O4 SO4 L . -53.51 -11.71 -2.53
C1 NGT M . -28.14 7.25 15.87
C2 NGT M . -28.44 6.81 14.41
C3 NGT M . -27.43 7.47 13.39
C4 NGT M . -27.14 8.90 13.71
C5 NGT M . -26.62 9.02 15.13
C6 NGT M . -26.23 10.44 15.53
C7 NGT M . -27.55 4.91 15.25
C8 NGT M . -27.22 3.48 15.44
N2 NGT M . -28.28 5.38 14.35
S1 NGT M . -26.90 6.05 16.43
O3 NGT M . -27.95 7.36 12.07
O4 NGT M . -26.18 9.39 12.79
O5 NGT M . -27.62 8.56 16.07
O6 NGT M . -26.07 10.54 16.94
C1 GOL N . -11.79 17.87 26.92
O1 GOL N . -11.29 17.68 28.22
C2 GOL N . -12.15 16.53 26.26
O2 GOL N . -13.00 15.76 27.07
C3 GOL N . -10.92 15.68 26.00
O3 GOL N . -9.94 16.34 25.24
#